data_1ZNF
#
_entry.id   1ZNF
#
_cell.length_a   1.000
_cell.length_b   1.000
_cell.length_c   1.000
_cell.angle_alpha   90.00
_cell.angle_beta   90.00
_cell.angle_gamma   90.00
#
_symmetry.space_group_name_H-M   'P 1'
#
loop_
_entity.id
_entity.type
_entity.pdbx_description
1 polymer '31ST ZINC FINGER FROM XFIN'
2 non-polymer 'ZINC ION'
#
_entity_poly.entity_id   1
_entity_poly.type   'polypeptide(L)'
_entity_poly.pdbx_seq_one_letter_code
;(ACE)YKCGLCERSFVEKSALSRHQRVHKN(NH2)
;
_entity_poly.pdbx_strand_id   A
#
loop_
_chem_comp.id
_chem_comp.type
_chem_comp.name
_chem_comp.formula
ACE non-polymer 'ACETYL GROUP' 'C2 H4 O'
NH2 non-polymer 'AMINO GROUP' 'H2 N'
ZN non-polymer 'ZINC ION' 'Zn 2'
#
# COMPACT_ATOMS: atom_id res chain seq x y z
C ACE A 1 -7.16 -4.13 2.93
O ACE A 1 -6.61 -4.88 3.74
CH3 ACE A 1 -8.44 -3.39 3.30
H1 ACE A 1 -9.18 -3.52 2.52
H2 ACE A 1 -8.83 -3.78 4.24
H3 ACE A 1 -8.23 -2.33 3.42
N TYR A 2 -6.68 -3.91 1.70
CA TYR A 2 -5.47 -4.55 1.19
C TYR A 2 -4.29 -4.11 2.06
N LYS A 3 -3.60 -5.08 2.67
CA LYS A 3 -2.45 -4.81 3.53
C LYS A 3 -1.20 -4.69 2.67
N CYS A 4 -0.49 -3.58 2.79
CA CYS A 4 0.74 -3.26 2.09
C CYS A 4 1.86 -4.30 2.26
N GLY A 5 1.84 -5.11 3.32
CA GLY A 5 2.87 -6.11 3.55
C GLY A 5 4.10 -5.46 4.18
N LEU A 6 4.63 -4.40 3.56
CA LEU A 6 5.79 -3.70 4.07
C LEU A 6 5.42 -2.93 5.34
N CYS A 7 4.21 -2.36 5.40
CA CYS A 7 3.72 -1.65 6.59
C CYS A 7 2.27 -2.00 6.93
N GLU A 8 1.71 -3.00 6.24
CA GLU A 8 0.36 -3.54 6.38
C GLU A 8 -0.80 -2.58 6.67
N ARG A 9 -0.70 -1.31 6.29
CA ARG A 9 -1.81 -0.40 6.43
C ARG A 9 -2.89 -0.94 5.48
N SER A 10 -4.11 -1.07 5.97
CA SER A 10 -5.25 -1.64 5.26
C SER A 10 -5.89 -0.66 4.27
N PHE A 11 -5.46 -0.67 3.00
CA PHE A 11 -6.00 0.20 1.98
C PHE A 11 -7.26 -0.40 1.40
N VAL A 12 -8.41 0.23 1.63
CA VAL A 12 -9.71 -0.21 1.18
C VAL A 12 -9.75 -0.61 -0.30
N GLU A 13 -9.01 0.10 -1.17
CA GLU A 13 -8.96 -0.14 -2.61
C GLU A 13 -7.52 -0.38 -3.09
N LYS A 14 -7.36 -1.28 -4.06
CA LYS A 14 -6.08 -1.66 -4.63
C LYS A 14 -5.39 -0.47 -5.30
N SER A 15 -6.17 0.49 -5.81
CA SER A 15 -5.65 1.70 -6.42
C SER A 15 -4.83 2.44 -5.35
N ALA A 16 -5.44 2.64 -4.19
CA ALA A 16 -4.82 3.30 -3.05
C ALA A 16 -3.58 2.51 -2.62
N LEU A 17 -3.64 1.18 -2.58
CA LEU A 17 -2.53 0.34 -2.22
C LEU A 17 -1.37 0.61 -3.18
N SER A 18 -1.65 0.56 -4.48
CA SER A 18 -0.66 0.81 -5.51
C SER A 18 -0.02 2.18 -5.28
N ARG A 19 -0.85 3.21 -5.15
CA ARG A 19 -0.41 4.58 -4.91
C ARG A 19 0.47 4.64 -3.66
N HIS A 20 0.06 3.98 -2.58
CA HIS A 20 0.77 3.95 -1.31
C HIS A 20 2.19 3.45 -1.50
N GLN A 21 2.49 2.56 -2.46
CA GLN A 21 3.87 2.14 -2.63
C GLN A 21 4.85 3.28 -2.84
N ARG A 22 4.43 4.50 -3.24
CA ARG A 22 5.36 5.62 -3.37
C ARG A 22 6.18 5.79 -2.08
N VAL A 23 5.60 5.41 -0.95
CA VAL A 23 6.14 5.46 0.39
C VAL A 23 7.39 4.57 0.56
N HIS A 24 7.54 3.51 -0.25
CA HIS A 24 8.63 2.54 -0.13
C HIS A 24 9.28 2.25 -1.48
N LYS A 25 8.43 1.96 -2.45
CA LYS A 25 8.69 1.60 -3.83
C LYS A 25 9.85 0.60 -3.96
N ASN A 26 9.87 -0.40 -3.08
CA ASN A 26 10.88 -1.45 -3.04
C ASN A 26 12.30 -0.87 -2.94
N NH2 A 27 12.45 0.27 -2.28
HN1 NH2 A 27 13.38 0.67 -2.19
HN2 NH2 A 27 11.66 0.76 -1.88
ZN ZN B . 3.25 0.58 3.13
C ACE A 1 -7.54 -4.42 3.04
O ACE A 1 -7.13 -5.46 3.53
CH3 ACE A 1 -8.78 -3.72 3.59
H1 ACE A 1 -9.56 -3.71 2.82
H2 ACE A 1 -9.15 -4.25 4.47
H3 ACE A 1 -8.54 -2.70 3.86
N TYR A 2 -6.94 -3.83 2.00
CA TYR A 2 -5.74 -4.37 1.38
C TYR A 2 -4.54 -4.02 2.26
N LYS A 3 -3.85 -5.03 2.80
CA LYS A 3 -2.70 -4.82 3.66
C LYS A 3 -1.43 -4.63 2.81
N CYS A 4 -0.76 -3.49 2.94
CA CYS A 4 0.49 -3.23 2.23
C CYS A 4 1.55 -4.20 2.75
N GLY A 5 2.04 -5.12 1.92
CA GLY A 5 3.05 -6.10 2.33
C GLY A 5 4.21 -5.50 3.12
N LEU A 6 4.60 -4.26 2.79
CA LEU A 6 5.71 -3.57 3.43
C LEU A 6 5.37 -2.89 4.76
N CYS A 7 4.10 -2.63 5.10
CA CYS A 7 3.78 -1.96 6.37
C CYS A 7 2.33 -2.16 6.86
N GLU A 8 1.66 -3.18 6.34
CA GLU A 8 0.30 -3.64 6.59
C GLU A 8 -0.77 -2.60 6.93
N ARG A 9 -0.69 -1.41 6.34
CA ARG A 9 -1.74 -0.42 6.49
C ARG A 9 -2.88 -0.91 5.59
N SER A 10 -4.11 -0.87 6.09
CA SER A 10 -5.31 -1.33 5.41
C SER A 10 -5.86 -0.31 4.41
N PHE A 11 -5.55 -0.48 3.12
CA PHE A 11 -6.02 0.41 2.07
C PHE A 11 -7.40 0.00 1.57
N VAL A 12 -8.23 1.01 1.29
CA VAL A 12 -9.57 0.91 0.80
C VAL A 12 -9.68 0.06 -0.48
N GLU A 13 -8.73 0.20 -1.42
CA GLU A 13 -8.75 -0.56 -2.67
C GLU A 13 -7.33 -0.75 -3.23
N LYS A 14 -7.20 -1.71 -4.16
CA LYS A 14 -5.95 -2.08 -4.81
C LYS A 14 -5.23 -0.89 -5.45
N SER A 15 -5.98 0.10 -5.93
CA SER A 15 -5.44 1.31 -6.54
C SER A 15 -4.66 2.06 -5.46
N ALA A 16 -5.35 2.40 -4.37
CA ALA A 16 -4.77 3.08 -3.23
C ALA A 16 -3.58 2.28 -2.71
N LEU A 17 -3.69 0.95 -2.64
CA LEU A 17 -2.62 0.08 -2.19
C LEU A 17 -1.38 0.31 -3.08
N SER A 18 -1.55 0.13 -4.39
CA SER A 18 -0.46 0.28 -5.36
C SER A 18 0.16 1.67 -5.20
N ARG A 19 -0.67 2.71 -5.19
CA ARG A 19 -0.21 4.07 -5.04
C ARG A 19 0.57 4.25 -3.73
N HIS A 20 0.07 3.69 -2.62
CA HIS A 20 0.70 3.86 -1.33
C HIS A 20 2.14 3.36 -1.33
N GLN A 21 2.49 2.39 -2.17
CA GLN A 21 3.87 1.91 -2.19
C GLN A 21 4.86 3.07 -2.34
N ARG A 22 4.46 4.19 -2.95
CA ARG A 22 5.30 5.37 -3.13
C ARG A 22 6.11 5.74 -1.88
N VAL A 23 5.57 5.54 -0.67
CA VAL A 23 6.31 5.91 0.54
C VAL A 23 7.60 5.10 0.68
N HIS A 24 7.59 3.84 0.22
CA HIS A 24 8.72 2.92 0.32
C HIS A 24 9.47 2.85 -1.01
N LYS A 25 8.69 2.57 -2.05
CA LYS A 25 9.06 2.34 -3.43
C LYS A 25 10.33 1.48 -3.54
N ASN A 26 10.39 0.41 -2.74
CA ASN A 26 11.51 -0.49 -2.72
C ASN A 26 11.58 -1.27 -4.04
N NH2 A 27 12.74 -1.26 -4.71
HN1 NH2 A 27 12.80 -1.76 -5.57
HN2 NH2 A 27 13.53 -0.74 -4.34
ZN ZN B . 3.22 0.57 3.10
C ACE A 1 -7.72 -4.42 2.90
O ACE A 1 -7.28 -5.33 3.61
CH3 ACE A 1 -9.03 -3.71 3.25
H1 ACE A 1 -9.71 -3.77 2.41
H2 ACE A 1 -9.48 -4.18 4.12
H3 ACE A 1 -8.82 -2.66 3.48
N TYR A 2 -7.08 -3.99 1.81
CA TYR A 2 -5.83 -4.57 1.37
C TYR A 2 -4.72 -4.05 2.30
N LYS A 3 -3.95 -4.97 2.89
CA LYS A 3 -2.86 -4.60 3.79
C LYS A 3 -1.56 -4.52 3.00
N CYS A 4 -0.83 -3.40 3.10
CA CYS A 4 0.43 -3.22 2.41
C CYS A 4 1.45 -4.25 2.89
N GLY A 5 1.89 -5.18 2.04
CA GLY A 5 2.86 -6.20 2.41
C GLY A 5 4.04 -5.65 3.23
N LEU A 6 4.54 -4.47 2.86
CA LEU A 6 5.67 -3.84 3.50
C LEU A 6 5.36 -3.13 4.83
N CYS A 7 4.11 -2.75 5.14
CA CYS A 7 3.85 -2.03 6.40
C CYS A 7 2.40 -2.14 6.92
N GLU A 8 1.68 -3.14 6.44
CA GLU A 8 0.30 -3.52 6.73
C GLU A 8 -0.68 -2.40 7.09
N ARG A 9 -0.58 -1.27 6.38
CA ARG A 9 -1.57 -0.21 6.51
C ARG A 9 -2.71 -0.68 5.60
N SER A 10 -3.95 -0.49 6.04
CA SER A 10 -5.15 -0.92 5.34
C SER A 10 -5.60 0.08 4.28
N PHE A 11 -5.75 -0.37 3.03
CA PHE A 11 -6.22 0.42 1.90
C PHE A 11 -7.47 -0.25 1.35
N VAL A 12 -8.58 0.47 1.31
CA VAL A 12 -9.85 -0.08 0.85
C VAL A 12 -9.79 -0.57 -0.60
N GLU A 13 -9.08 0.16 -1.47
CA GLU A 13 -8.96 -0.17 -2.90
C GLU A 13 -7.53 -0.52 -3.30
N LYS A 14 -7.42 -1.42 -4.29
CA LYS A 14 -6.17 -1.89 -4.86
C LYS A 14 -5.36 -0.71 -5.42
N SER A 15 -6.05 0.28 -5.99
CA SER A 15 -5.42 1.47 -6.54
C SER A 15 -4.66 2.19 -5.43
N ALA A 16 -5.34 2.47 -4.31
CA ALA A 16 -4.72 3.12 -3.16
C ALA A 16 -3.56 2.28 -2.65
N LEU A 17 -3.73 0.95 -2.55
CA LEU A 17 -2.69 0.07 -2.09
C LEU A 17 -1.44 0.24 -2.96
N SER A 18 -1.62 0.09 -4.27
CA SER A 18 -0.56 0.23 -5.25
C SER A 18 0.11 1.59 -5.12
N ARG A 19 -0.69 2.65 -5.10
CA ARG A 19 -0.19 4.01 -4.98
C ARG A 19 0.56 4.21 -3.65
N HIS A 20 0.09 3.58 -2.56
CA HIS A 20 0.72 3.75 -1.27
C HIS A 20 2.17 3.25 -1.30
N GLN A 21 2.51 2.27 -2.16
CA GLN A 21 3.88 1.78 -2.22
C GLN A 21 4.90 2.90 -2.37
N ARG A 22 4.49 4.04 -2.95
CA ARG A 22 5.33 5.21 -3.13
C ARG A 22 6.09 5.60 -1.86
N VAL A 23 5.56 5.35 -0.65
CA VAL A 23 6.31 5.72 0.55
C VAL A 23 7.63 4.94 0.65
N HIS A 24 7.64 3.68 0.18
CA HIS A 24 8.79 2.80 0.24
C HIS A 24 9.55 2.87 -1.08
N LYS A 25 8.80 2.61 -2.14
CA LYS A 25 9.18 2.51 -3.54
C LYS A 25 10.52 1.80 -3.79
N ASN A 26 10.88 0.82 -2.95
CA ASN A 26 12.13 0.09 -3.09
C ASN A 26 12.02 -0.96 -4.19
N NH2 A 27 11.86 -0.50 -5.44
HN1 NH2 A 27 11.79 -1.14 -6.21
HN2 NH2 A 27 11.81 0.50 -5.59
ZN ZN B . 3.38 0.42 3.03
C ACE A 1 -7.41 -5.10 3.53
O ACE A 1 -6.63 -5.89 4.05
CH3 ACE A 1 -8.74 -4.76 4.19
H1 ACE A 1 -9.55 -4.93 3.49
H2 ACE A 1 -8.89 -5.40 5.07
H3 ACE A 1 -8.74 -3.72 4.52
N TYR A 2 -7.14 -4.48 2.37
CA TYR A 2 -5.90 -4.70 1.66
C TYR A 2 -4.79 -4.01 2.42
N LYS A 3 -3.86 -4.79 2.98
CA LYS A 3 -2.75 -4.29 3.77
C LYS A 3 -1.48 -4.28 2.93
N CYS A 4 -0.65 -3.24 3.10
CA CYS A 4 0.61 -3.08 2.41
C CYS A 4 1.59 -4.16 2.88
N GLY A 5 2.00 -5.05 1.97
CA GLY A 5 2.95 -6.11 2.29
C GLY A 5 4.22 -5.57 2.97
N LEU A 6 4.66 -4.38 2.58
CA LEU A 6 5.85 -3.73 3.13
C LEU A 6 5.59 -3.06 4.49
N CYS A 7 4.33 -2.89 4.91
CA CYS A 7 4.00 -2.32 6.21
C CYS A 7 2.62 -2.79 6.70
N GLU A 8 1.54 -2.00 6.57
CA GLU A 8 0.21 -2.37 7.01
C GLU A 8 -0.82 -1.43 6.36
N ARG A 9 -1.66 -0.78 7.15
CA ARG A 9 -2.70 0.15 6.75
C ARG A 9 -3.76 -0.51 5.84
N SER A 10 -5.03 -0.52 6.26
CA SER A 10 -6.12 -1.11 5.51
C SER A 10 -6.55 -0.15 4.39
N PHE A 11 -6.06 -0.34 3.16
CA PHE A 11 -6.38 0.51 2.03
C PHE A 11 -7.71 0.15 1.39
N VAL A 12 -8.00 -1.14 1.28
CA VAL A 12 -9.18 -1.76 0.72
C VAL A 12 -9.29 -1.63 -0.81
N GLU A 13 -8.77 -0.53 -1.34
CA GLU A 13 -8.72 -0.22 -2.75
C GLU A 13 -7.33 -0.55 -3.28
N LYS A 14 -7.25 -1.42 -4.30
CA LYS A 14 -5.99 -1.80 -4.91
C LYS A 14 -5.24 -0.57 -5.44
N SER A 15 -5.98 0.46 -5.89
CA SER A 15 -5.41 1.69 -6.40
C SER A 15 -4.68 2.40 -5.27
N ALA A 16 -5.39 2.60 -4.15
CA ALA A 16 -4.82 3.24 -2.97
C ALA A 16 -3.62 2.44 -2.47
N LEU A 17 -3.74 1.11 -2.43
CA LEU A 17 -2.67 0.22 -2.01
C LEU A 17 -1.44 0.46 -2.88
N SER A 18 -1.61 0.36 -4.20
CA SER A 18 -0.54 0.55 -5.17
C SER A 18 0.10 1.93 -4.99
N ARG A 19 -0.72 2.97 -4.86
CA ARG A 19 -0.24 4.32 -4.67
C ARG A 19 0.50 4.46 -3.34
N HIS A 20 0.06 3.78 -2.27
CA HIS A 20 0.75 3.91 -1.00
C HIS A 20 2.19 3.41 -1.10
N GLN A 21 2.47 2.44 -1.98
CA GLN A 21 3.82 1.90 -2.12
C GLN A 21 4.89 2.98 -2.31
N ARG A 22 4.55 4.15 -2.86
CA ARG A 22 5.53 5.22 -3.09
C ARG A 22 6.43 5.50 -1.89
N VAL A 23 5.95 5.31 -0.66
CA VAL A 23 6.78 5.56 0.52
C VAL A 23 8.04 4.66 0.51
N HIS A 24 7.91 3.43 -0.01
CA HIS A 24 8.98 2.44 -0.06
C HIS A 24 9.59 2.39 -1.46
N LYS A 25 8.70 2.27 -2.43
CA LYS A 25 8.89 2.13 -3.86
C LYS A 25 9.97 1.11 -4.24
N ASN A 26 10.15 0.07 -3.41
CA ASN A 26 11.09 -1.03 -3.56
C ASN A 26 12.56 -0.59 -3.54
N NH2 A 27 13.00 0.21 -4.51
HN1 NH2 A 27 13.95 0.51 -4.53
HN2 NH2 A 27 12.33 0.52 -5.23
ZN ZN B . 3.59 0.47 3.09
C ACE A 1 -7.53 -4.32 3.09
O ACE A 1 -6.97 -5.23 3.69
CH3 ACE A 1 -8.80 -3.68 3.65
H1 ACE A 1 -9.64 -3.91 2.98
H2 ACE A 1 -9.02 -4.08 4.63
H3 ACE A 1 -8.67 -2.60 3.71
N TYR A 2 -7.07 -3.82 1.94
CA TYR A 2 -5.86 -4.31 1.30
C TYR A 2 -4.67 -4.00 2.21
N LYS A 3 -3.89 -5.04 2.55
CA LYS A 3 -2.73 -4.93 3.42
C LYS A 3 -1.48 -4.76 2.55
N CYS A 4 -0.62 -3.79 2.90
CA CYS A 4 0.58 -3.46 2.16
C CYS A 4 1.61 -4.57 2.11
N GLY A 5 1.95 -5.18 3.26
CA GLY A 5 2.94 -6.24 3.32
C GLY A 5 4.29 -5.65 3.75
N LEU A 6 4.71 -4.58 3.07
CA LEU A 6 5.94 -3.87 3.43
C LEU A 6 5.72 -3.12 4.74
N CYS A 7 4.45 -2.89 5.10
CA CYS A 7 3.95 -2.31 6.31
C CYS A 7 2.52 -2.85 6.36
N GLU A 8 1.65 -2.25 7.15
CA GLU A 8 0.28 -2.69 7.32
C GLU A 8 -0.64 -1.52 7.66
N ARG A 9 -1.36 -1.08 6.64
CA ARG A 9 -2.38 -0.04 6.66
C ARG A 9 -3.45 -0.64 5.75
N SER A 10 -4.71 -0.71 6.20
CA SER A 10 -5.81 -1.30 5.47
C SER A 10 -6.33 -0.34 4.40
N PHE A 11 -5.83 -0.45 3.17
CA PHE A 11 -6.26 0.41 2.08
C PHE A 11 -7.58 -0.05 1.50
N VAL A 12 -8.49 0.89 1.25
CA VAL A 12 -9.81 0.67 0.71
C VAL A 12 -9.82 -0.10 -0.62
N GLU A 13 -8.85 0.13 -1.51
CA GLU A 13 -8.80 -0.55 -2.80
C GLU A 13 -7.37 -0.74 -3.30
N LYS A 14 -7.24 -1.62 -4.30
CA LYS A 14 -5.98 -1.96 -4.95
C LYS A 14 -5.25 -0.69 -5.42
N SER A 15 -5.99 0.27 -5.96
CA SER A 15 -5.46 1.54 -6.44
C SER A 15 -4.72 2.25 -5.31
N ALA A 16 -5.39 2.41 -4.16
CA ALA A 16 -4.83 3.08 -2.99
C ALA A 16 -3.61 2.31 -2.48
N LEU A 17 -3.68 0.98 -2.49
CA LEU A 17 -2.61 0.11 -2.06
C LEU A 17 -1.38 0.32 -2.94
N SER A 18 -1.58 0.22 -4.26
CA SER A 18 -0.54 0.39 -5.26
C SER A 18 0.09 1.77 -5.06
N ARG A 19 -0.75 2.80 -5.04
CA ARG A 19 -0.31 4.17 -4.83
C ARG A 19 0.48 4.26 -3.53
N HIS A 20 0.02 3.61 -2.45
CA HIS A 20 0.71 3.68 -1.18
C HIS A 20 2.14 3.16 -1.29
N GLN A 21 2.44 2.23 -2.19
CA GLN A 21 3.81 1.76 -2.33
C GLN A 21 4.79 2.90 -2.52
N ARG A 22 4.34 4.05 -3.05
CA ARG A 22 5.17 5.22 -3.26
C ARG A 22 6.07 5.54 -2.04
N VAL A 23 5.62 5.28 -0.81
CA VAL A 23 6.45 5.57 0.36
C VAL A 23 7.72 4.71 0.42
N HIS A 24 7.65 3.47 -0.08
CA HIS A 24 8.75 2.51 -0.04
C HIS A 24 9.44 2.43 -1.40
N LYS A 25 8.61 2.20 -2.42
CA LYS A 25 8.89 2.00 -3.82
C LYS A 25 10.23 1.30 -4.04
N ASN A 26 10.42 0.17 -3.35
CA ASN A 26 11.62 -0.66 -3.41
C ASN A 26 12.94 0.13 -3.33
N NH2 A 27 12.96 1.23 -2.59
HN1 NH2 A 27 13.81 1.77 -2.51
HN2 NH2 A 27 12.12 1.55 -2.10
ZN ZN B . 3.40 0.20 3.04
C ACE A 1 -7.18 -5.49 1.87
O ACE A 1 -6.50 -6.46 2.21
CH3 ACE A 1 -8.60 -5.30 2.38
H1 ACE A 1 -9.29 -5.27 1.53
H2 ACE A 1 -8.87 -6.13 3.03
H3 ACE A 1 -8.67 -4.36 2.93
N TYR A 2 -6.70 -4.54 1.05
CA TYR A 2 -5.36 -4.58 0.51
C TYR A 2 -4.40 -4.10 1.61
N LYS A 3 -3.19 -4.66 1.66
CA LYS A 3 -2.22 -4.31 2.68
C LYS A 3 -0.81 -4.39 2.12
N CYS A 4 0.09 -3.57 2.66
CA CYS A 4 1.48 -3.46 2.28
C CYS A 4 2.34 -4.27 3.26
N GLY A 5 3.13 -5.22 2.75
CA GLY A 5 4.00 -6.07 3.56
C GLY A 5 4.92 -5.27 4.49
N LEU A 6 5.41 -4.12 4.02
CA LEU A 6 6.33 -3.28 4.78
C LEU A 6 5.60 -2.49 5.88
N CYS A 7 4.28 -2.34 5.79
CA CYS A 7 3.48 -1.61 6.77
C CYS A 7 2.01 -1.95 6.53
N GLU A 8 1.44 -2.77 7.40
CA GLU A 8 0.09 -3.32 7.31
C GLU A 8 -1.05 -2.31 7.48
N ARG A 9 -1.08 -1.29 6.63
CA ARG A 9 -2.14 -0.30 6.57
C ARG A 9 -3.25 -0.92 5.74
N SER A 10 -4.50 -0.85 6.21
CA SER A 10 -5.66 -1.42 5.56
C SER A 10 -6.18 -0.50 4.46
N PHE A 11 -5.89 -0.82 3.19
CA PHE A 11 -6.33 -0.06 2.03
C PHE A 11 -7.58 -0.72 1.44
N VAL A 12 -8.65 0.06 1.28
CA VAL A 12 -9.90 -0.45 0.72
C VAL A 12 -9.76 -0.88 -0.73
N GLU A 13 -8.82 -0.29 -1.48
CA GLU A 13 -8.62 -0.58 -2.90
C GLU A 13 -7.13 -0.70 -3.28
N LYS A 14 -6.88 -1.51 -4.30
CA LYS A 14 -5.55 -1.79 -4.84
C LYS A 14 -4.85 -0.51 -5.31
N SER A 15 -5.60 0.39 -5.95
CA SER A 15 -5.11 1.65 -6.48
C SER A 15 -4.44 2.44 -5.36
N ALA A 16 -5.20 2.65 -4.28
CA ALA A 16 -4.73 3.38 -3.10
C ALA A 16 -3.44 2.75 -2.59
N LEU A 17 -3.43 1.43 -2.39
CA LEU A 17 -2.25 0.74 -1.92
C LEU A 17 -1.06 0.92 -2.88
N SER A 18 -1.30 0.81 -4.19
CA SER A 18 -0.26 1.00 -5.19
C SER A 18 0.32 2.41 -5.04
N ARG A 19 -0.56 3.40 -4.85
CA ARG A 19 -0.12 4.77 -4.63
C ARG A 19 0.67 4.83 -3.31
N HIS A 20 0.23 4.10 -2.29
CA HIS A 20 0.91 4.12 -1.00
C HIS A 20 2.36 3.67 -1.15
N GLN A 21 2.68 2.73 -2.05
CA GLN A 21 4.07 2.33 -2.24
C GLN A 21 5.00 3.49 -2.57
N ARG A 22 4.51 4.68 -2.94
CA ARG A 22 5.41 5.80 -3.16
C ARG A 22 6.28 6.07 -1.91
N VAL A 23 5.82 5.73 -0.70
CA VAL A 23 6.66 5.95 0.49
C VAL A 23 7.86 4.97 0.51
N HIS A 24 7.72 3.81 -0.15
CA HIS A 24 8.74 2.77 -0.24
C HIS A 24 8.50 1.97 -1.51
N LYS A 25 8.98 2.50 -2.64
CA LYS A 25 8.84 1.96 -3.98
C LYS A 25 9.68 0.69 -4.14
N ASN A 26 9.32 -0.35 -3.38
CA ASN A 26 9.97 -1.66 -3.37
C ASN A 26 9.56 -2.48 -4.59
N NH2 A 27 8.31 -2.36 -5.02
HN1 NH2 A 27 8.02 -2.89 -5.84
HN2 NH2 A 27 7.66 -1.73 -4.57
ZN ZN B . 3.76 0.56 3.17
C ACE A 1 -7.94 -4.96 1.29
O ACE A 1 -7.96 -6.19 1.31
CH3 ACE A 1 -9.22 -4.17 1.55
H1 ACE A 1 -9.47 -3.60 0.65
H2 ACE A 1 -10.04 -4.85 1.78
H3 ACE A 1 -9.06 -3.49 2.39
N TYR A 2 -6.83 -4.25 1.06
CA TYR A 2 -5.52 -4.82 0.80
C TYR A 2 -4.53 -4.25 1.81
N LYS A 3 -3.64 -5.08 2.35
CA LYS A 3 -2.64 -4.68 3.33
C LYS A 3 -1.30 -4.48 2.63
N CYS A 4 -0.61 -3.37 2.91
CA CYS A 4 0.67 -3.08 2.29
C CYS A 4 1.75 -3.99 2.88
N GLY A 5 2.27 -4.94 2.11
CA GLY A 5 3.31 -5.85 2.57
C GLY A 5 4.43 -5.18 3.37
N LEU A 6 4.84 -3.97 2.95
CA LEU A 6 5.91 -3.22 3.59
C LEU A 6 5.53 -2.56 4.92
N CYS A 7 4.24 -2.32 5.23
CA CYS A 7 3.91 -1.65 6.49
C CYS A 7 2.50 -1.95 7.03
N GLU A 8 1.86 -2.98 6.51
CA GLU A 8 0.54 -3.51 6.81
C GLU A 8 -0.60 -2.51 6.99
N ARG A 9 -0.44 -1.27 6.53
CA ARG A 9 -1.53 -0.33 6.55
C ARG A 9 -2.58 -0.93 5.60
N SER A 10 -3.84 -0.85 6.01
CA SER A 10 -4.98 -1.42 5.29
C SER A 10 -5.58 -0.36 4.37
N PHE A 11 -5.54 -0.61 3.06
CA PHE A 11 -6.04 0.26 2.01
C PHE A 11 -7.33 -0.31 1.46
N VAL A 12 -8.39 0.50 1.45
CA VAL A 12 -9.72 0.14 0.99
C VAL A 12 -9.74 -0.50 -0.40
N GLU A 13 -8.84 -0.10 -1.30
CA GLU A 13 -8.78 -0.63 -2.66
C GLU A 13 -7.34 -0.75 -3.15
N LYS A 14 -7.15 -1.67 -4.11
CA LYS A 14 -5.86 -1.97 -4.70
C LYS A 14 -5.23 -0.70 -5.30
N SER A 15 -6.05 0.21 -5.82
CA SER A 15 -5.59 1.47 -6.38
C SER A 15 -4.81 2.25 -5.32
N ALA A 16 -5.42 2.44 -4.15
CA ALA A 16 -4.82 3.15 -3.04
C ALA A 16 -3.57 2.40 -2.58
N LEU A 17 -3.65 1.07 -2.49
CA LEU A 17 -2.55 0.24 -2.09
C LEU A 17 -1.34 0.51 -2.99
N SER A 18 -1.55 0.40 -4.30
CA SER A 18 -0.53 0.62 -5.30
C SER A 18 0.04 2.03 -5.14
N ARG A 19 -0.85 3.02 -5.12
CA ARG A 19 -0.44 4.41 -4.97
C ARG A 19 0.37 4.63 -3.71
N HIS A 20 0.02 3.95 -2.61
CA HIS A 20 0.71 4.13 -1.34
C HIS A 20 2.16 3.62 -1.39
N GLN A 21 2.50 2.68 -2.27
CA GLN A 21 3.85 2.15 -2.32
C GLN A 21 4.92 3.24 -2.41
N ARG A 22 4.60 4.41 -2.99
CA ARG A 22 5.51 5.53 -3.13
C ARG A 22 6.37 5.79 -1.87
N VAL A 23 5.82 5.58 -0.66
CA VAL A 23 6.59 5.84 0.55
C VAL A 23 7.83 4.93 0.66
N HIS A 24 7.75 3.71 0.12
CA HIS A 24 8.82 2.70 0.17
C HIS A 24 9.51 2.62 -1.19
N LYS A 25 8.66 2.42 -2.20
CA LYS A 25 8.96 2.24 -3.61
C LYS A 25 10.10 1.25 -3.81
N ASN A 26 10.00 0.10 -3.15
CA ASN A 26 11.00 -0.97 -3.22
C ASN A 26 10.34 -2.32 -2.91
N NH2 A 27 9.53 -2.40 -1.86
HN1 NH2 A 27 9.09 -3.28 -1.66
HN2 NH2 A 27 9.35 -1.58 -1.28
ZN ZN B . 3.28 0.77 3.10
C ACE A 1 -7.15 -5.65 1.74
O ACE A 1 -6.54 -6.61 2.21
CH3 ACE A 1 -8.59 -5.35 2.16
H1 ACE A 1 -9.22 -5.35 1.28
H2 ACE A 1 -8.93 -6.10 2.87
H3 ACE A 1 -8.63 -4.37 2.64
N TYR A 2 -6.59 -4.80 0.88
CA TYR A 2 -5.23 -4.94 0.40
C TYR A 2 -4.30 -4.45 1.50
N LYS A 3 -3.09 -5.01 1.63
CA LYS A 3 -2.15 -4.61 2.65
C LYS A 3 -0.77 -4.40 2.01
N CYS A 4 -0.02 -3.43 2.54
CA CYS A 4 1.30 -3.06 2.06
C CYS A 4 2.39 -4.03 2.51
N GLY A 5 2.20 -4.73 3.64
CA GLY A 5 3.17 -5.68 4.14
C GLY A 5 4.34 -4.99 4.84
N LEU A 6 4.97 -4.01 4.19
CA LEU A 6 6.08 -3.27 4.77
C LEU A 6 5.58 -2.39 5.93
N CYS A 7 4.29 -2.05 5.91
CA CYS A 7 3.58 -1.32 6.94
C CYS A 7 2.15 -1.86 6.81
N GLU A 8 1.71 -2.64 7.79
CA GLU A 8 0.43 -3.34 7.78
C GLU A 8 -0.81 -2.44 7.93
N ARG A 9 -0.98 -1.51 7.01
CA ARG A 9 -2.14 -0.64 6.93
C ARG A 9 -3.13 -1.31 5.98
N SER A 10 -4.42 -1.23 6.29
CA SER A 10 -5.49 -1.83 5.51
C SER A 10 -6.01 -0.85 4.45
N PHE A 11 -5.87 -1.21 3.17
CA PHE A 11 -6.30 -0.41 2.03
C PHE A 11 -7.52 -1.05 1.40
N VAL A 12 -8.63 -0.31 1.34
CA VAL A 12 -9.86 -0.82 0.76
C VAL A 12 -9.73 -1.05 -0.75
N GLU A 13 -8.92 -0.22 -1.43
CA GLU A 13 -8.72 -0.30 -2.87
C GLU A 13 -7.22 -0.39 -3.21
N LYS A 14 -6.90 -1.24 -4.19
CA LYS A 14 -5.53 -1.48 -4.64
C LYS A 14 -4.89 -0.22 -5.23
N SER A 15 -5.71 0.70 -5.77
CA SER A 15 -5.26 1.95 -6.36
C SER A 15 -4.53 2.76 -5.28
N ALA A 16 -5.24 3.04 -4.19
CA ALA A 16 -4.72 3.77 -3.04
C ALA A 16 -3.43 3.12 -2.57
N LEU A 17 -3.45 1.78 -2.40
CA LEU A 17 -2.30 1.05 -1.96
C LEU A 17 -1.11 1.23 -2.92
N SER A 18 -1.34 1.06 -4.22
CA SER A 18 -0.30 1.24 -5.22
C SER A 18 0.29 2.66 -5.08
N ARG A 19 -0.59 3.65 -4.97
CA ARG A 19 -0.17 5.04 -4.79
C ARG A 19 0.64 5.17 -3.49
N HIS A 20 0.25 4.44 -2.44
CA HIS A 20 0.94 4.44 -1.15
C HIS A 20 2.33 3.83 -1.33
N GLN A 21 2.53 2.81 -2.19
CA GLN A 21 3.89 2.32 -2.38
C GLN A 21 4.88 3.38 -2.84
N ARG A 22 4.48 4.55 -3.34
CA ARG A 22 5.46 5.58 -3.64
C ARG A 22 6.30 5.91 -2.40
N VAL A 23 5.74 5.69 -1.20
CA VAL A 23 6.36 5.88 0.09
C VAL A 23 7.54 4.92 0.25
N HIS A 24 7.44 3.72 -0.32
CA HIS A 24 8.45 2.67 -0.23
C HIS A 24 8.26 1.71 -1.41
N LYS A 25 8.67 2.17 -2.59
CA LYS A 25 8.57 1.43 -3.84
C LYS A 25 9.65 0.34 -3.90
N ASN A 26 9.53 -0.64 -3.02
CA ASN A 26 10.44 -1.77 -2.93
C ASN A 26 10.23 -2.74 -4.11
N NH2 A 27 10.55 -2.29 -5.32
HN1 NH2 A 27 10.45 -2.88 -6.11
HN2 NH2 A 27 10.91 -1.34 -5.40
ZN ZN B . 3.36 1.00 3.40
C ACE A 1 -7.89 -5.33 1.68
O ACE A 1 -8.98 -4.83 1.94
CH3 ACE A 1 -7.76 -6.85 1.70
H1 ACE A 1 -7.01 -7.15 2.45
H2 ACE A 1 -8.71 -7.31 1.96
H3 ACE A 1 -7.45 -7.21 0.72
N TYR A 2 -6.82 -4.58 1.39
CA TYR A 2 -5.47 -5.04 1.08
C TYR A 2 -4.50 -4.52 2.13
N LYS A 3 -3.44 -5.29 2.40
CA LYS A 3 -2.38 -4.95 3.32
C LYS A 3 -1.12 -4.74 2.49
N CYS A 4 -0.38 -3.67 2.76
CA CYS A 4 0.85 -3.33 2.05
C CYS A 4 1.99 -4.32 2.28
N GLY A 5 2.02 -5.06 3.39
CA GLY A 5 3.08 -6.04 3.65
C GLY A 5 4.33 -5.36 4.21
N LEU A 6 4.79 -4.30 3.55
CA LEU A 6 5.97 -3.55 3.99
C LEU A 6 5.62 -2.71 5.23
N CYS A 7 4.33 -2.44 5.45
CA CYS A 7 3.78 -1.72 6.57
C CYS A 7 2.31 -2.13 6.61
N GLU A 8 1.88 -2.71 7.72
CA GLU A 8 0.52 -3.24 7.90
C GLU A 8 -0.54 -2.14 8.07
N ARG A 9 -0.72 -1.36 7.00
CA ARG A 9 -1.75 -0.35 6.90
C ARG A 9 -2.81 -0.95 5.97
N SER A 10 -4.09 -0.61 6.22
CA SER A 10 -5.22 -1.14 5.47
C SER A 10 -5.58 -0.23 4.30
N PHE A 11 -5.63 -0.78 3.09
CA PHE A 11 -5.97 -0.07 1.87
C PHE A 11 -7.23 -0.68 1.28
N VAL A 12 -8.29 0.11 1.17
CA VAL A 12 -9.57 -0.34 0.64
C VAL A 12 -9.47 -0.91 -0.78
N GLU A 13 -8.58 -0.33 -1.60
CA GLU A 13 -8.39 -0.75 -2.99
C GLU A 13 -6.91 -0.90 -3.33
N LYS A 14 -6.67 -1.71 -4.37
CA LYS A 14 -5.35 -1.94 -4.93
C LYS A 14 -4.83 -0.63 -5.56
N SER A 15 -5.73 0.29 -5.92
CA SER A 15 -5.37 1.58 -6.45
C SER A 15 -4.61 2.31 -5.33
N ALA A 16 -5.31 2.54 -4.22
CA ALA A 16 -4.75 3.16 -3.04
C ALA A 16 -3.42 2.49 -2.68
N LEU A 17 -3.36 1.16 -2.71
CA LEU A 17 -2.16 0.41 -2.43
C LEU A 17 -1.02 0.82 -3.37
N SER A 18 -1.24 0.72 -4.69
CA SER A 18 -0.21 1.07 -5.67
C SER A 18 0.35 2.46 -5.41
N ARG A 19 -0.53 3.44 -5.17
CA ARG A 19 -0.10 4.79 -4.87
C ARG A 19 0.64 4.81 -3.53
N HIS A 20 0.16 4.06 -2.53
CA HIS A 20 0.79 4.05 -1.22
C HIS A 20 2.24 3.56 -1.30
N GLN A 21 2.55 2.59 -2.16
CA GLN A 21 3.92 2.12 -2.28
C GLN A 21 4.96 3.23 -2.39
N ARG A 22 4.60 4.37 -2.99
CA ARG A 22 5.53 5.48 -3.15
C ARG A 22 6.29 5.87 -1.88
N VAL A 23 5.77 5.59 -0.67
CA VAL A 23 6.53 5.93 0.54
C VAL A 23 7.83 5.10 0.63
N HIS A 24 7.79 3.85 0.18
CA HIS A 24 8.91 2.90 0.23
C HIS A 24 9.62 2.83 -1.12
N LYS A 25 8.78 2.69 -2.14
CA LYS A 25 9.05 2.53 -3.56
C LYS A 25 9.49 1.10 -3.88
N ASN A 26 9.32 0.17 -2.94
CA ASN A 26 9.66 -1.23 -3.08
C ASN A 26 8.43 -2.00 -3.58
N NH2 A 27 7.25 -1.67 -3.08
HN1 NH2 A 27 6.41 -2.16 -3.39
HN2 NH2 A 27 7.16 -0.93 -2.40
ZN ZN B . 3.43 0.59 3.06
C ACE A 1 -7.50 -4.66 3.61
O ACE A 1 -6.94 -5.47 4.33
CH3 ACE A 1 -8.80 -3.99 4.04
H1 ACE A 1 -9.61 -4.28 3.38
H2 ACE A 1 -9.05 -4.29 5.07
H3 ACE A 1 -8.68 -2.90 4.01
N TYR A 2 -7.02 -4.32 2.41
CA TYR A 2 -5.79 -4.88 1.88
C TYR A 2 -4.63 -4.40 2.75
N LYS A 3 -3.77 -5.33 3.19
CA LYS A 3 -2.62 -5.02 4.00
C LYS A 3 -1.41 -4.92 3.07
N CYS A 4 -0.70 -3.79 3.09
CA CYS A 4 0.46 -3.56 2.22
C CYS A 4 1.61 -4.55 2.46
N GLY A 5 1.68 -5.19 3.63
CA GLY A 5 2.74 -6.16 3.91
C GLY A 5 4.03 -5.48 4.33
N LEU A 6 4.50 -4.50 3.54
CA LEU A 6 5.71 -3.74 3.87
C LEU A 6 5.43 -2.89 5.11
N CYS A 7 4.15 -2.56 5.33
CA CYS A 7 3.62 -1.84 6.47
C CYS A 7 2.16 -2.26 6.47
N GLU A 8 1.71 -2.92 7.53
CA GLU A 8 0.37 -3.48 7.65
C GLU A 8 -0.75 -2.45 7.82
N ARG A 9 -0.79 -1.43 6.96
CA ARG A 9 -1.84 -0.44 6.95
C ARG A 9 -2.93 -0.99 6.02
N SER A 10 -4.20 -0.74 6.34
CA SER A 10 -5.35 -1.20 5.60
C SER A 10 -5.72 -0.25 4.45
N PHE A 11 -5.90 -0.79 3.24
CA PHE A 11 -6.30 -0.03 2.06
C PHE A 11 -7.57 -0.65 1.47
N VAL A 12 -8.54 0.19 1.09
CA VAL A 12 -9.82 -0.26 0.57
C VAL A 12 -9.77 -0.69 -0.91
N GLU A 13 -8.92 -0.05 -1.72
CA GLU A 13 -8.83 -0.32 -3.16
C GLU A 13 -7.39 -0.50 -3.64
N LYS A 14 -7.24 -1.25 -4.75
CA LYS A 14 -5.95 -1.55 -5.34
C LYS A 14 -5.20 -0.27 -5.71
N SER A 15 -5.91 0.70 -6.29
CA SER A 15 -5.34 1.98 -6.68
C SER A 15 -4.66 2.67 -5.48
N ALA A 16 -5.29 2.59 -4.31
CA ALA A 16 -4.77 3.20 -3.09
C ALA A 16 -3.47 2.50 -2.72
N LEU A 17 -3.44 1.17 -2.78
CA LEU A 17 -2.26 0.40 -2.48
C LEU A 17 -1.14 0.77 -3.45
N SER A 18 -1.45 0.75 -4.74
CA SER A 18 -0.52 1.09 -5.81
C SER A 18 0.14 2.42 -5.51
N ARG A 19 -0.67 3.45 -5.24
CA ARG A 19 -0.15 4.77 -4.90
C ARG A 19 0.65 4.70 -3.61
N HIS A 20 0.13 4.01 -2.58
CA HIS A 20 0.80 3.87 -1.30
C HIS A 20 2.20 3.30 -1.46
N GLN A 21 2.47 2.38 -2.39
CA GLN A 21 3.83 1.90 -2.54
C GLN A 21 4.85 3.02 -2.72
N ARG A 22 4.47 4.19 -3.23
CA ARG A 22 5.36 5.34 -3.37
C ARG A 22 6.13 5.62 -2.07
N VAL A 23 5.52 5.31 -0.93
CA VAL A 23 6.03 5.46 0.41
C VAL A 23 7.35 4.71 0.60
N HIS A 24 7.48 3.53 -0.03
CA HIS A 24 8.64 2.66 0.10
C HIS A 24 9.43 2.65 -1.21
N LYS A 25 8.69 2.37 -2.27
CA LYS A 25 9.10 2.25 -3.65
C LYS A 25 10.41 1.48 -3.77
N ASN A 26 10.45 0.27 -3.20
CA ASN A 26 11.62 -0.61 -3.21
C ASN A 26 11.90 -1.23 -4.58
N NH2 A 27 12.12 -0.39 -5.60
HN1 NH2 A 27 12.31 -0.76 -6.52
HN2 NH2 A 27 12.10 0.61 -5.43
ZN ZN B . 3.21 0.31 2.98
C ACE A 1 -7.70 -4.88 2.48
O ACE A 1 -7.21 -5.92 2.92
CH3 ACE A 1 -9.03 -4.37 3.01
H1 ACE A 1 -9.72 -4.21 2.18
H2 ACE A 1 -9.46 -5.09 3.70
H3 ACE A 1 -8.88 -3.42 3.52
N TYR A 2 -7.11 -4.15 1.54
CA TYR A 2 -5.83 -4.51 0.95
C TYR A 2 -4.72 -4.01 1.87
N LYS A 3 -3.81 -4.91 2.27
CA LYS A 3 -2.70 -4.58 3.16
C LYS A 3 -1.37 -4.62 2.41
N CYS A 4 -0.46 -3.74 2.80
CA CYS A 4 0.89 -3.57 2.26
C CYS A 4 1.88 -4.61 2.77
N GLY A 5 1.65 -5.19 3.96
CA GLY A 5 2.56 -6.17 4.52
C GLY A 5 3.78 -5.49 5.15
N LEU A 6 4.46 -4.62 4.41
CA LEU A 6 5.63 -3.89 4.92
C LEU A 6 5.16 -2.92 6.01
N CYS A 7 3.99 -2.32 5.80
CA CYS A 7 3.35 -1.41 6.74
C CYS A 7 1.85 -1.63 6.55
N GLU A 8 1.29 -2.62 7.26
CA GLU A 8 -0.08 -3.13 7.22
C GLU A 8 -1.24 -2.13 7.43
N ARG A 9 -1.29 -1.12 6.58
CA ARG A 9 -2.35 -0.13 6.52
C ARG A 9 -3.44 -0.77 5.68
N SER A 10 -4.67 -0.81 6.17
CA SER A 10 -5.79 -1.44 5.48
C SER A 10 -6.43 -0.47 4.48
N PHE A 11 -6.04 -0.54 3.20
CA PHE A 11 -6.58 0.31 2.16
C PHE A 11 -7.87 -0.30 1.62
N VAL A 12 -8.90 0.53 1.40
CA VAL A 12 -10.17 0.11 0.89
C VAL A 12 -10.02 -0.46 -0.53
N GLU A 13 -9.21 0.18 -1.37
CA GLU A 13 -8.98 -0.21 -2.75
C GLU A 13 -7.51 -0.52 -3.02
N LYS A 14 -7.27 -1.48 -3.92
CA LYS A 14 -5.95 -1.90 -4.32
C LYS A 14 -5.17 -0.74 -4.94
N SER A 15 -5.84 0.15 -5.67
CA SER A 15 -5.22 1.30 -6.32
C SER A 15 -4.41 2.11 -5.31
N ALA A 16 -5.06 2.46 -4.19
CA ALA A 16 -4.46 3.23 -3.12
C ALA A 16 -3.24 2.48 -2.57
N LEU A 17 -3.41 1.22 -2.20
CA LEU A 17 -2.35 0.38 -1.69
C LEU A 17 -1.15 0.34 -2.64
N SER A 18 -1.42 0.13 -3.93
CA SER A 18 -0.41 0.04 -4.96
C SER A 18 0.36 1.35 -5.01
N ARG A 19 -0.36 2.47 -5.15
CA ARG A 19 0.23 3.79 -5.18
C ARG A 19 1.05 4.01 -3.91
N HIS A 20 0.55 3.55 -2.77
CA HIS A 20 1.20 3.69 -1.48
C HIS A 20 2.57 3.02 -1.45
N GLN A 21 2.80 1.93 -2.20
CA GLN A 21 4.10 1.28 -2.16
C GLN A 21 5.26 2.24 -2.36
N ARG A 22 5.08 3.30 -3.17
CA ARG A 22 6.07 4.31 -3.47
C ARG A 22 6.99 4.66 -2.29
N VAL A 23 6.46 4.71 -1.05
CA VAL A 23 7.27 5.05 0.11
C VAL A 23 8.48 4.11 0.26
N HIS A 24 8.28 2.80 0.00
CA HIS A 24 9.32 1.77 0.11
C HIS A 24 9.82 1.42 -1.28
N LYS A 25 8.85 1.14 -2.15
CA LYS A 25 9.06 0.72 -3.51
C LYS A 25 9.48 1.93 -4.36
N ASN A 26 10.59 2.57 -3.98
CA ASN A 26 11.12 3.77 -4.61
C ASN A 26 11.54 3.49 -6.05
N NH2 A 27 12.12 2.31 -6.31
HN1 NH2 A 27 12.40 2.11 -7.25
HN2 NH2 A 27 12.25 1.65 -5.56
ZN ZN B . 3.60 0.35 2.92
C ACE A 1 -7.69 -4.56 3.19
O ACE A 1 -7.09 -5.53 3.64
CH3 ACE A 1 -8.98 -4.08 3.86
H1 ACE A 1 -9.83 -4.36 3.23
H2 ACE A 1 -9.08 -4.53 4.83
H3 ACE A 1 -8.95 -2.99 3.96
N TYR A 2 -7.26 -3.87 2.15
CA TYR A 2 -6.04 -4.21 1.43
C TYR A 2 -4.84 -3.92 2.32
N LYS A 3 -4.14 -4.97 2.73
CA LYS A 3 -2.93 -4.91 3.54
C LYS A 3 -1.72 -4.72 2.63
N CYS A 4 -0.69 -4.02 3.10
CA CYS A 4 0.50 -3.71 2.32
C CYS A 4 1.53 -4.83 2.31
N GLY A 5 2.10 -5.18 3.47
CA GLY A 5 3.11 -6.21 3.62
C GLY A 5 4.39 -5.59 4.18
N LEU A 6 4.88 -4.51 3.56
CA LEU A 6 6.06 -3.78 4.03
C LEU A 6 5.68 -2.95 5.26
N CYS A 7 4.38 -2.76 5.50
CA CYS A 7 3.75 -2.11 6.60
C CYS A 7 2.33 -2.68 6.53
N GLU A 8 1.38 -2.08 7.21
CA GLU A 8 0.02 -2.56 7.27
C GLU A 8 -0.98 -1.47 7.66
N ARG A 9 -1.74 -1.01 6.68
CA ARG A 9 -2.83 -0.06 6.82
C ARG A 9 -3.91 -0.64 5.91
N SER A 10 -5.16 -0.72 6.38
CA SER A 10 -6.25 -1.31 5.63
C SER A 10 -6.72 -0.36 4.53
N PHE A 11 -6.11 -0.41 3.36
CA PHE A 11 -6.51 0.47 2.26
C PHE A 11 -7.82 -0.06 1.67
N VAL A 12 -8.71 0.85 1.26
CA VAL A 12 -10.03 0.47 0.75
C VAL A 12 -9.96 -0.19 -0.64
N GLU A 13 -9.00 0.19 -1.49
CA GLU A 13 -8.88 -0.34 -2.84
C GLU A 13 -7.43 -0.61 -3.23
N LYS A 14 -7.24 -1.55 -4.15
CA LYS A 14 -5.93 -1.93 -4.67
C LYS A 14 -5.19 -0.71 -5.22
N SER A 15 -5.90 0.22 -5.86
CA SER A 15 -5.33 1.44 -6.42
C SER A 15 -4.54 2.20 -5.35
N ALA A 16 -5.18 2.41 -4.20
CA ALA A 16 -4.61 3.11 -3.07
C ALA A 16 -3.41 2.34 -2.51
N LEU A 17 -3.49 1.01 -2.49
CA LEU A 17 -2.45 0.14 -2.02
C LEU A 17 -1.22 0.26 -2.93
N SER A 18 -1.45 0.22 -4.24
CA SER A 18 -0.43 0.34 -5.26
C SER A 18 0.26 1.69 -5.08
N ARG A 19 -0.53 2.77 -5.07
CA ARG A 19 -0.03 4.12 -4.86
C ARG A 19 0.81 4.15 -3.57
N HIS A 20 0.28 3.57 -2.49
CA HIS A 20 0.95 3.53 -1.21
C HIS A 20 2.34 2.89 -1.33
N GLN A 21 2.61 1.98 -2.27
CA GLN A 21 3.96 1.46 -2.37
C GLN A 21 4.99 2.57 -2.63
N ARG A 22 4.61 3.70 -3.23
CA ARG A 22 5.55 4.79 -3.49
C ARG A 22 6.34 5.16 -2.22
N VAL A 23 5.76 4.91 -1.05
CA VAL A 23 6.32 5.12 0.26
C VAL A 23 7.62 4.32 0.45
N HIS A 24 7.68 3.11 -0.09
CA HIS A 24 8.81 2.18 0.04
C HIS A 24 9.40 1.71 -1.27
N LYS A 25 8.76 2.03 -2.41
CA LYS A 25 9.12 1.55 -3.72
C LYS A 25 10.47 2.10 -4.19
N ASN A 26 11.55 1.63 -3.57
CA ASN A 26 12.93 2.00 -3.87
C ASN A 26 13.33 1.44 -5.24
N NH2 A 27 12.77 1.99 -6.30
HN1 NH2 A 27 13.02 1.67 -7.23
HN2 NH2 A 27 12.10 2.74 -6.17
ZN ZN B . 3.29 -0.02 3.05
C ACE A 1 -7.11 -5.05 2.35
O ACE A 1 -6.43 -5.97 2.79
CH3 ACE A 1 -8.45 -4.69 2.99
H1 ACE A 1 -9.23 -4.68 2.23
H2 ACE A 1 -8.70 -5.43 3.77
H3 ACE A 1 -8.37 -3.70 3.45
N TYR A 2 -6.73 -4.31 1.31
CA TYR A 2 -5.48 -4.53 0.60
C TYR A 2 -4.35 -4.05 1.52
N LYS A 3 -3.30 -4.87 1.66
CA LYS A 3 -2.17 -4.60 2.54
C LYS A 3 -0.86 -4.38 1.77
N CYS A 4 -0.01 -3.54 2.36
CA CYS A 4 1.34 -3.21 1.94
C CYS A 4 2.25 -4.07 2.82
N GLY A 5 2.93 -5.06 2.23
CA GLY A 5 3.80 -5.97 2.97
C GLY A 5 4.76 -5.28 3.94
N LEU A 6 5.25 -4.10 3.56
CA LEU A 6 6.21 -3.33 4.35
C LEU A 6 5.55 -2.59 5.52
N CYS A 7 4.24 -2.34 5.46
CA CYS A 7 3.47 -1.64 6.49
C CYS A 7 1.99 -1.92 6.20
N GLU A 8 1.43 -2.96 6.82
CA GLU A 8 0.09 -3.49 6.57
C GLU A 8 -1.09 -2.58 6.92
N ARG A 9 -1.17 -1.43 6.28
CA ARG A 9 -2.26 -0.49 6.37
C ARG A 9 -3.42 -1.11 5.57
N SER A 10 -4.62 -1.09 6.14
CA SER A 10 -5.82 -1.66 5.55
C SER A 10 -6.42 -0.73 4.50
N PHE A 11 -5.98 -0.81 3.24
CA PHE A 11 -6.53 0.02 2.18
C PHE A 11 -7.79 -0.63 1.63
N VAL A 12 -8.92 0.05 1.69
CA VAL A 12 -10.18 -0.45 1.18
C VAL A 12 -10.10 -0.82 -0.31
N GLU A 13 -9.31 -0.07 -1.10
CA GLU A 13 -9.12 -0.30 -2.53
C GLU A 13 -7.62 -0.46 -2.85
N LYS A 14 -7.31 -1.36 -3.78
CA LYS A 14 -5.95 -1.64 -4.20
C LYS A 14 -5.25 -0.41 -4.78
N SER A 15 -6.02 0.49 -5.41
CA SER A 15 -5.49 1.71 -6.01
C SER A 15 -4.67 2.52 -5.00
N ALA A 16 -5.25 2.73 -3.80
CA ALA A 16 -4.60 3.49 -2.75
C ALA A 16 -3.31 2.79 -2.34
N LEU A 17 -3.39 1.48 -2.05
CA LEU A 17 -2.26 0.67 -1.68
C LEU A 17 -1.14 0.78 -2.74
N SER A 18 -1.52 0.73 -4.01
CA SER A 18 -0.59 0.84 -5.12
C SER A 18 0.10 2.21 -5.07
N ARG A 19 -0.69 3.29 -5.05
CA ARG A 19 -0.15 4.65 -4.97
C ARG A 19 0.72 4.81 -3.73
N HIS A 20 0.36 4.13 -2.63
CA HIS A 20 1.09 4.16 -1.38
C HIS A 20 2.50 3.62 -1.61
N GLN A 21 2.77 2.76 -2.61
CA GLN A 21 4.15 2.36 -2.84
C GLN A 21 5.04 3.51 -3.30
N ARG A 22 4.53 4.74 -3.48
CA ARG A 22 5.42 5.88 -3.70
C ARG A 22 6.31 5.97 -2.45
N VAL A 23 5.78 5.54 -1.30
CA VAL A 23 6.42 5.39 -0.03
C VAL A 23 7.17 4.05 -0.18
N HIS A 24 8.41 3.92 0.29
CA HIS A 24 9.19 2.69 0.23
C HIS A 24 9.68 2.31 -1.17
N LYS A 25 8.79 2.32 -2.16
CA LYS A 25 9.00 1.92 -3.54
C LYS A 25 9.73 0.58 -3.66
N ASN A 26 9.33 -0.37 -2.81
CA ASN A 26 9.91 -1.71 -2.76
C ASN A 26 11.42 -1.67 -2.53
N NH2 A 27 11.94 -0.63 -1.87
HN1 NH2 A 27 12.92 -0.60 -1.71
HN2 NH2 A 27 11.34 0.13 -1.55
ZN ZN B . 3.49 0.86 3.23
C ACE A 1 -5.66 -3.23 3.05
O ACE A 1 -6.04 -2.07 3.12
CH3 ACE A 1 -5.86 -4.18 4.23
H1 ACE A 1 -4.91 -4.59 4.56
H2 ACE A 1 -6.30 -3.62 5.07
H3 ACE A 1 -6.55 -4.98 3.96
N TYR A 2 -5.10 -3.67 1.93
CA TYR A 2 -4.64 -5.04 1.71
C TYR A 2 -3.28 -5.27 2.38
N LYS A 3 -2.79 -6.50 2.27
CA LYS A 3 -1.54 -6.92 2.87
C LYS A 3 -0.37 -6.32 2.07
N CYS A 4 -0.06 -5.04 2.31
CA CYS A 4 1.03 -4.35 1.65
C CYS A 4 2.36 -5.09 1.92
N GLY A 5 2.49 -5.77 3.06
CA GLY A 5 3.68 -6.55 3.39
C GLY A 5 4.76 -5.65 3.97
N LEU A 6 5.06 -4.56 3.26
CA LEU A 6 6.04 -3.58 3.70
C LEU A 6 5.47 -2.78 4.88
N CYS A 7 4.14 -2.84 5.08
CA CYS A 7 3.38 -2.28 6.16
C CYS A 7 1.98 -2.87 5.93
N GLU A 8 1.03 -2.44 6.74
CA GLU A 8 -0.36 -2.86 6.75
C GLU A 8 -1.19 -1.67 7.25
N ARG A 9 -1.90 -1.01 6.35
CA ARG A 9 -2.79 0.12 6.63
C ARG A 9 -4.09 -0.12 5.85
N SER A 10 -5.19 0.45 6.33
CA SER A 10 -6.52 0.26 5.75
C SER A 10 -6.77 1.07 4.48
N PHE A 11 -6.23 0.60 3.35
CA PHE A 11 -6.44 1.21 2.04
C PHE A 11 -7.70 0.64 1.39
N VAL A 12 -7.92 -0.66 1.57
CA VAL A 12 -9.03 -1.51 1.13
C VAL A 12 -9.29 -1.57 -0.38
N GLU A 13 -8.61 -0.74 -1.16
CA GLU A 13 -8.70 -0.71 -2.62
C GLU A 13 -7.31 -0.69 -3.26
N LYS A 14 -7.10 -1.58 -4.24
CA LYS A 14 -5.88 -1.73 -5.02
C LYS A 14 -5.30 -0.40 -5.51
N SER A 15 -6.16 0.56 -5.86
CA SER A 15 -5.80 1.89 -6.32
C SER A 15 -4.99 2.59 -5.24
N ALA A 16 -5.64 2.81 -4.08
CA ALA A 16 -5.03 3.46 -2.95
C ALA A 16 -3.78 2.69 -2.52
N LEU A 17 -3.86 1.36 -2.46
CA LEU A 17 -2.77 0.50 -2.09
C LEU A 17 -1.56 0.72 -3.02
N SER A 18 -1.83 0.75 -4.34
CA SER A 18 -0.82 0.97 -5.36
C SER A 18 -0.17 2.32 -5.11
N ARG A 19 -0.98 3.40 -5.05
CA ARG A 19 -0.44 4.73 -4.79
C ARG A 19 0.35 4.74 -3.48
N HIS A 20 -0.11 4.03 -2.45
CA HIS A 20 0.59 3.98 -1.19
C HIS A 20 2.00 3.43 -1.35
N GLN A 21 2.26 2.52 -2.30
CA GLN A 21 3.61 1.99 -2.46
C GLN A 21 4.67 3.07 -2.55
N ARG A 22 4.33 4.27 -3.03
CA ARG A 22 5.28 5.38 -3.15
C ARG A 22 6.12 5.59 -1.88
N VAL A 23 5.60 5.29 -0.68
CA VAL A 23 6.41 5.48 0.53
C VAL A 23 7.64 4.54 0.57
N HIS A 24 7.51 3.34 -0.03
CA HIS A 24 8.56 2.32 -0.04
C HIS A 24 9.22 2.24 -1.41
N LYS A 25 8.36 2.03 -2.41
CA LYS A 25 8.65 1.86 -3.81
C LYS A 25 9.80 0.87 -4.02
N ASN A 26 9.68 -0.31 -3.39
CA ASN A 26 10.65 -1.40 -3.42
C ASN A 26 11.94 -1.06 -2.66
N NH2 A 27 12.62 0.01 -3.04
HN1 NH2 A 27 13.47 0.25 -2.56
HN2 NH2 A 27 12.27 0.58 -3.80
ZN ZN B . 3.02 -0.04 2.78
C ACE A 1 -7.28 -5.02 1.86
O ACE A 1 -6.84 -6.01 2.43
CH3 ACE A 1 -8.67 -4.49 2.17
H1 ACE A 1 -9.26 -4.43 1.25
H2 ACE A 1 -9.18 -5.15 2.88
H3 ACE A 1 -8.59 -3.49 2.61
N TYR A 2 -6.57 -4.34 0.96
CA TYR A 2 -5.22 -4.70 0.56
C TYR A 2 -4.27 -4.33 1.69
N LYS A 3 -3.25 -5.16 1.90
CA LYS A 3 -2.24 -4.98 2.94
C LYS A 3 -0.89 -4.85 2.23
N CYS A 4 -0.16 -3.76 2.50
CA CYS A 4 1.14 -3.49 1.91
C CYS A 4 2.21 -4.49 2.36
N GLY A 5 2.06 -5.12 3.52
CA GLY A 5 3.01 -6.11 4.00
C GLY A 5 4.23 -5.44 4.63
N LEU A 6 4.86 -4.50 3.91
CA LEU A 6 6.01 -3.76 4.42
C LEU A 6 5.58 -2.85 5.57
N CYS A 7 4.30 -2.49 5.60
CA CYS A 7 3.68 -1.71 6.65
C CYS A 7 2.21 -2.09 6.58
N GLU A 8 1.71 -2.74 7.63
CA GLU A 8 0.37 -3.28 7.74
C GLU A 8 -0.71 -2.20 7.89
N ARG A 9 -0.83 -1.34 6.89
CA ARG A 9 -1.84 -0.31 6.80
C ARG A 9 -2.93 -0.86 5.88
N SER A 10 -4.20 -0.59 6.20
CA SER A 10 -5.36 -1.08 5.49
C SER A 10 -5.69 -0.23 4.26
N PHE A 11 -5.44 -0.75 3.05
CA PHE A 11 -5.73 -0.06 1.81
C PHE A 11 -7.01 -0.60 1.19
N VAL A 12 -8.10 0.14 1.33
CA VAL A 12 -9.42 -0.18 0.84
C VAL A 12 -9.42 -0.72 -0.61
N GLU A 13 -8.58 -0.17 -1.49
CA GLU A 13 -8.49 -0.57 -2.88
C GLU A 13 -7.05 -0.73 -3.35
N LYS A 14 -6.92 -1.44 -4.47
CA LYS A 14 -5.67 -1.65 -5.17
C LYS A 14 -5.08 -0.28 -5.56
N SER A 15 -5.96 0.69 -5.84
CA SER A 15 -5.54 2.04 -6.21
C SER A 15 -4.81 2.66 -5.02
N ALA A 16 -5.48 2.67 -3.85
CA ALA A 16 -4.93 3.19 -2.61
C ALA A 16 -3.59 2.52 -2.28
N LEU A 17 -3.50 1.21 -2.49
CA LEU A 17 -2.29 0.45 -2.26
C LEU A 17 -1.19 0.94 -3.23
N SER A 18 -1.49 0.95 -4.53
CA SER A 18 -0.52 1.38 -5.54
C SER A 18 -0.01 2.77 -5.19
N ARG A 19 -0.92 3.69 -4.89
CA ARG A 19 -0.59 5.05 -4.49
C ARG A 19 0.30 4.98 -3.24
N HIS A 20 -0.04 4.13 -2.26
CA HIS A 20 0.76 3.97 -1.07
C HIS A 20 2.17 3.49 -1.44
N GLN A 21 2.40 2.72 -2.51
CA GLN A 21 3.78 2.39 -2.88
C GLN A 21 4.62 3.61 -3.29
N ARG A 22 4.08 4.84 -3.27
CA ARG A 22 4.91 6.04 -3.40
C ARG A 22 5.89 6.03 -2.20
N VAL A 23 5.47 5.39 -1.10
CA VAL A 23 6.20 5.15 0.10
C VAL A 23 7.03 3.89 -0.19
N HIS A 24 8.26 3.80 0.30
CA HIS A 24 9.15 2.64 0.13
C HIS A 24 9.69 2.54 -1.31
N LYS A 25 8.79 2.37 -2.27
CA LYS A 25 9.04 2.21 -3.69
C LYS A 25 9.97 1.01 -3.96
N ASN A 26 9.87 -0.03 -3.15
CA ASN A 26 10.66 -1.24 -3.25
C ASN A 26 10.00 -2.30 -2.37
N NH2 A 27 10.37 -3.57 -2.52
HN1 NH2 A 27 9.93 -4.27 -1.96
HN2 NH2 A 27 11.07 -3.81 -3.20
ZN ZN B . 3.60 0.44 3.08
C ACE A 1 -5.21 -3.47 2.80
O ACE A 1 -5.71 -2.37 3.02
CH3 ACE A 1 -5.32 -4.59 3.83
H1 ACE A 1 -4.33 -4.98 4.08
H2 ACE A 1 -5.78 -4.20 4.74
H3 ACE A 1 -5.95 -5.39 3.45
N TYR A 2 -4.59 -3.70 1.64
CA TYR A 2 -3.98 -4.97 1.24
C TYR A 2 -2.59 -5.16 1.85
N LYS A 3 -2.00 -6.32 1.56
CA LYS A 3 -0.71 -6.72 2.10
C LYS A 3 0.44 -5.95 1.44
N CYS A 4 0.65 -4.69 1.84
CA CYS A 4 1.76 -3.88 1.35
C CYS A 4 3.10 -4.55 1.72
N GLY A 5 3.13 -5.35 2.79
CA GLY A 5 4.30 -6.08 3.23
C GLY A 5 5.13 -5.25 4.19
N LEU A 6 5.52 -4.05 3.77
CA LEU A 6 6.32 -3.16 4.60
C LEU A 6 5.48 -2.50 5.70
N CYS A 7 4.16 -2.57 5.61
CA CYS A 7 3.20 -2.05 6.53
C CYS A 7 1.87 -2.58 6.02
N GLU A 8 0.88 -2.61 6.91
CA GLU A 8 -0.48 -3.08 6.68
C GLU A 8 -1.44 -2.04 7.25
N ARG A 9 -1.87 -1.11 6.40
CA ARG A 9 -2.83 -0.06 6.71
C ARG A 9 -4.09 -0.31 5.87
N SER A 10 -5.23 0.19 6.32
CA SER A 10 -6.53 -0.04 5.68
C SER A 10 -6.73 0.74 4.38
N PHE A 11 -6.06 0.31 3.30
CA PHE A 11 -6.19 0.88 1.97
C PHE A 11 -7.38 0.29 1.23
N VAL A 12 -7.59 -1.02 1.41
CA VAL A 12 -8.62 -1.89 0.90
C VAL A 12 -8.86 -1.92 -0.62
N GLU A 13 -8.10 -1.13 -1.37
CA GLU A 13 -8.12 -1.08 -2.83
C GLU A 13 -6.69 -0.98 -3.38
N LYS A 14 -6.43 -1.73 -4.46
CA LYS A 14 -5.13 -1.80 -5.12
C LYS A 14 -4.64 -0.42 -5.53
N SER A 15 -5.54 0.47 -5.93
CA SER A 15 -5.24 1.83 -6.34
C SER A 15 -4.57 2.56 -5.19
N ALA A 16 -5.30 2.69 -4.08
CA ALA A 16 -4.83 3.34 -2.87
C ALA A 16 -3.50 2.72 -2.44
N LEU A 17 -3.40 1.39 -2.44
CA LEU A 17 -2.20 0.69 -2.06
C LEU A 17 -1.04 1.14 -2.96
N SER A 18 -1.22 1.04 -4.28
CA SER A 18 -0.20 1.42 -5.25
C SER A 18 0.25 2.86 -4.97
N ARG A 19 -0.71 3.77 -4.78
CA ARG A 19 -0.41 5.15 -4.47
C ARG A 19 0.40 5.22 -3.17
N HIS A 20 0.01 4.45 -2.16
CA HIS A 20 0.71 4.42 -0.88
C HIS A 20 2.15 3.96 -1.08
N GLN A 21 2.43 3.02 -1.99
CA GLN A 21 3.81 2.63 -2.23
C GLN A 21 4.73 3.81 -2.60
N ARG A 22 4.20 5.00 -2.86
CA ARG A 22 5.05 6.17 -3.06
C ARG A 22 5.96 6.35 -1.83
N VAL A 23 5.51 6.00 -0.61
CA VAL A 23 6.36 6.12 0.57
C VAL A 23 7.45 5.04 0.56
N HIS A 24 7.14 3.85 0.01
CA HIS A 24 8.06 2.72 -0.05
C HIS A 24 7.68 1.78 -1.20
N LYS A 25 8.41 1.89 -2.31
CA LYS A 25 8.19 1.10 -3.52
C LYS A 25 8.67 -0.34 -3.34
N ASN A 26 7.91 -1.09 -2.55
CA ASN A 26 8.15 -2.50 -2.25
C ASN A 26 8.08 -3.39 -3.50
N NH2 A 27 9.06 -3.28 -4.39
HN1 NH2 A 27 9.05 -3.86 -5.21
HN2 NH2 A 27 9.80 -2.61 -4.22
ZN ZN B . 3.16 0.41 3.26
C ACE A 1 -5.43 -3.30 2.86
O ACE A 1 -5.82 -2.15 2.89
CH3 ACE A 1 -5.60 -4.21 4.08
H1 ACE A 1 -4.64 -4.61 4.40
H2 ACE A 1 -6.02 -3.63 4.90
H3 ACE A 1 -6.28 -5.02 3.84
N TYR A 2 -4.85 -3.79 1.75
CA TYR A 2 -4.36 -5.15 1.58
C TYR A 2 -2.99 -5.35 2.21
N LYS A 3 -2.47 -6.56 2.08
CA LYS A 3 -1.19 -6.95 2.65
C LYS A 3 -0.03 -6.28 1.89
N CYS A 4 0.19 -4.99 2.14
CA CYS A 4 1.30 -4.25 1.54
C CYS A 4 2.64 -4.89 1.91
N GLY A 5 2.70 -5.64 3.02
CA GLY A 5 3.91 -6.33 3.45
C GLY A 5 4.80 -5.39 4.24
N LEU A 6 5.09 -4.22 3.66
CA LEU A 6 5.94 -3.23 4.29
C LEU A 6 5.20 -2.48 5.42
N CYS A 7 3.86 -2.47 5.43
CA CYS A 7 3.11 -1.77 6.49
C CYS A 7 1.64 -2.16 6.62
N GLU A 8 1.03 -2.73 5.57
CA GLU A 8 -0.37 -3.16 5.53
C GLU A 8 -1.38 -2.24 6.23
N ARG A 9 -1.40 -0.96 5.84
CA ARG A 9 -2.36 0.00 6.34
C ARG A 9 -3.70 -0.24 5.63
N SER A 10 -4.78 0.14 6.29
CA SER A 10 -6.16 -0.07 5.84
C SER A 10 -6.56 0.84 4.67
N PHE A 11 -6.15 0.49 3.45
CA PHE A 11 -6.53 1.22 2.24
C PHE A 11 -7.77 0.62 1.61
N VAL A 12 -7.83 -0.72 1.56
CA VAL A 12 -8.84 -1.65 1.03
C VAL A 12 -9.08 -1.52 -0.48
N GLU A 13 -8.76 -0.37 -1.03
CA GLU A 13 -8.85 0.00 -2.41
C GLU A 13 -7.48 -0.28 -3.07
N LYS A 14 -7.44 -1.25 -3.97
CA LYS A 14 -6.25 -1.67 -4.69
C LYS A 14 -5.44 -0.48 -5.23
N SER A 15 -6.06 0.39 -6.03
CA SER A 15 -5.37 1.53 -6.63
C SER A 15 -4.60 2.33 -5.57
N ALA A 16 -5.28 2.70 -4.49
CA ALA A 16 -4.69 3.43 -3.38
C ALA A 16 -3.55 2.63 -2.77
N LEU A 17 -3.69 1.31 -2.62
CA LEU A 17 -2.66 0.46 -2.06
C LEU A 17 -1.40 0.52 -2.93
N SER A 18 -1.55 0.35 -4.25
CA SER A 18 -0.40 0.43 -5.15
C SER A 18 0.22 1.83 -5.07
N ARG A 19 -0.62 2.87 -5.14
CA ARG A 19 -0.19 4.26 -5.05
C ARG A 19 0.61 4.45 -3.76
N HIS A 20 0.12 3.92 -2.64
CA HIS A 20 0.74 4.05 -1.35
C HIS A 20 2.18 3.50 -1.34
N GLN A 21 2.53 2.52 -2.17
CA GLN A 21 3.91 2.01 -2.14
C GLN A 21 4.94 3.12 -2.24
N ARG A 22 4.62 4.24 -2.90
CA ARG A 22 5.50 5.39 -3.05
C ARG A 22 6.20 5.78 -1.73
N VAL A 23 5.59 5.59 -0.56
CA VAL A 23 6.26 5.97 0.69
C VAL A 23 7.54 5.15 0.92
N HIS A 24 7.53 3.88 0.50
CA HIS A 24 8.64 2.95 0.70
C HIS A 24 9.45 2.80 -0.58
N LYS A 25 8.70 2.50 -1.64
CA LYS A 25 9.06 2.20 -3.01
C LYS A 25 9.25 0.68 -3.12
N ASN A 26 8.36 0.01 -3.86
CA ASN A 26 8.36 -1.43 -4.06
C ASN A 26 9.52 -1.93 -4.95
N NH2 A 27 10.75 -1.59 -4.59
HN1 NH2 A 27 11.53 -1.90 -5.15
HN2 NH2 A 27 10.90 -1.03 -3.76
ZN ZN B . 2.96 0.23 2.90
C ACE A 1 -7.23 -4.33 2.78
O ACE A 1 -6.65 -5.02 3.61
CH3 ACE A 1 -8.60 -3.73 3.09
H1 ACE A 1 -9.27 -3.86 2.24
H2 ACE A 1 -9.03 -4.22 3.96
H3 ACE A 1 -8.50 -2.65 3.29
N TYR A 2 -6.73 -4.06 1.58
CA TYR A 2 -5.46 -4.55 1.08
C TYR A 2 -4.34 -4.22 2.06
N LYS A 3 -3.69 -5.22 2.63
CA LYS A 3 -2.62 -5.03 3.59
C LYS A 3 -1.32 -4.76 2.85
N CYS A 4 -0.68 -3.62 3.10
CA CYS A 4 0.60 -3.31 2.48
C CYS A 4 1.66 -4.25 3.04
N GLY A 5 2.15 -5.21 2.25
CA GLY A 5 3.17 -6.15 2.70
C GLY A 5 4.33 -5.49 3.47
N LEU A 6 4.69 -4.27 3.07
CA LEU A 6 5.78 -3.51 3.67
C LEU A 6 5.44 -2.81 4.99
N CYS A 7 4.16 -2.56 5.32
CA CYS A 7 3.83 -1.86 6.58
C CYS A 7 2.39 -2.09 7.07
N GLU A 8 1.77 -3.16 6.62
CA GLU A 8 0.43 -3.68 6.88
C GLU A 8 -0.71 -2.69 7.10
N ARG A 9 -0.59 -1.47 6.58
CA ARG A 9 -1.71 -0.55 6.61
C ARG A 9 -2.73 -1.17 5.64
N SER A 10 -4.01 -1.10 6.00
CA SER A 10 -5.11 -1.68 5.24
C SER A 10 -5.69 -0.61 4.31
N PHE A 11 -5.68 -0.85 2.99
CA PHE A 11 -6.15 0.09 1.98
C PHE A 11 -7.44 -0.38 1.31
N VAL A 12 -8.35 0.57 1.07
CA VAL A 12 -9.64 0.36 0.45
C VAL A 12 -9.58 -0.49 -0.82
N GLU A 13 -8.61 -0.20 -1.70
CA GLU A 13 -8.45 -0.94 -2.95
C GLU A 13 -6.98 -0.95 -3.39
N LYS A 14 -6.64 -1.89 -4.30
CA LYS A 14 -5.30 -2.04 -4.83
C LYS A 14 -4.77 -0.73 -5.41
N SER A 15 -5.64 0.11 -5.96
CA SER A 15 -5.26 1.41 -6.50
C SER A 15 -4.63 2.28 -5.40
N ALA A 16 -5.30 2.32 -4.24
CA ALA A 16 -4.81 3.09 -3.09
C ALA A 16 -3.50 2.49 -2.61
N LEU A 17 -3.39 1.15 -2.61
CA LEU A 17 -2.19 0.47 -2.23
C LEU A 17 -1.05 0.93 -3.14
N SER A 18 -1.24 0.79 -4.44
CA SER A 18 -0.27 1.19 -5.46
C SER A 18 0.18 2.62 -5.21
N ARG A 19 -0.79 3.53 -5.02
CA ARG A 19 -0.48 4.92 -4.72
C ARG A 19 0.37 5.00 -3.45
N HIS A 20 -0.04 4.28 -2.39
CA HIS A 20 0.67 4.30 -1.12
C HIS A 20 2.11 3.85 -1.30
N GLN A 21 2.40 2.79 -2.05
CA GLN A 21 3.77 2.30 -2.21
C GLN A 21 4.78 3.35 -2.61
N ARG A 22 4.39 4.47 -3.22
CA ARG A 22 5.35 5.53 -3.55
C ARG A 22 6.22 5.87 -2.33
N VAL A 23 5.64 5.70 -1.13
CA VAL A 23 6.22 5.89 0.18
C VAL A 23 7.49 5.04 0.44
N HIS A 24 7.52 3.79 -0.06
CA HIS A 24 8.64 2.85 0.14
C HIS A 24 9.38 2.64 -1.16
N LYS A 25 8.59 2.45 -2.21
CA LYS A 25 8.91 2.17 -3.59
C LYS A 25 10.00 1.10 -3.73
N ASN A 26 9.72 -0.07 -3.17
CA ASN A 26 10.58 -1.25 -3.18
C ASN A 26 9.66 -2.47 -3.22
N NH2 A 27 10.19 -3.65 -3.53
HN1 NH2 A 27 9.59 -4.46 -3.58
HN2 NH2 A 27 11.19 -3.71 -3.72
ZN ZN B . 3.23 0.60 3.27
C ACE A 1 -7.71 -5.23 2.08
O ACE A 1 -7.27 -6.31 2.50
CH3 ACE A 1 -9.13 -4.78 2.41
H1 ACE A 1 -9.71 -4.72 1.49
H2 ACE A 1 -9.59 -5.50 3.09
H3 ACE A 1 -9.09 -3.80 2.89
N TYR A 2 -6.98 -4.41 1.32
CA TYR A 2 -5.61 -4.69 0.93
C TYR A 2 -4.71 -4.24 2.08
N LYS A 3 -3.53 -4.85 2.24
CA LYS A 3 -2.58 -4.49 3.28
C LYS A 3 -1.20 -4.36 2.66
N CYS A 4 -0.45 -3.32 3.02
CA CYS A 4 0.89 -3.10 2.48
C CYS A 4 1.87 -4.06 3.14
N GLY A 5 2.39 -5.04 2.40
CA GLY A 5 3.36 -6.01 2.90
C GLY A 5 4.47 -5.40 3.76
N LEU A 6 4.92 -4.19 3.42
CA LEU A 6 6.00 -3.50 4.12
C LEU A 6 5.58 -2.80 5.42
N CYS A 7 4.29 -2.50 5.66
CA CYS A 7 3.92 -1.80 6.90
C CYS A 7 2.51 -2.09 7.39
N GLU A 8 1.83 -3.09 6.81
CA GLU A 8 0.49 -3.56 7.10
C GLU A 8 -0.59 -2.50 7.25
N ARG A 9 -0.36 -1.28 6.76
CA ARG A 9 -1.41 -0.28 6.76
C ARG A 9 -2.46 -0.83 5.79
N SER A 10 -3.73 -0.62 6.11
CA SER A 10 -4.85 -1.11 5.32
C SER A 10 -5.26 -0.12 4.25
N PHE A 11 -5.64 -0.62 3.06
CA PHE A 11 -6.05 0.15 1.90
C PHE A 11 -7.32 -0.44 1.30
N VAL A 12 -8.26 0.43 0.92
CA VAL A 12 -9.53 0.06 0.35
C VAL A 12 -9.38 -0.85 -0.88
N GLU A 13 -8.50 -0.47 -1.82
CA GLU A 13 -8.29 -1.22 -3.04
C GLU A 13 -6.86 -1.09 -3.58
N LYS A 14 -6.57 -1.91 -4.61
CA LYS A 14 -5.31 -2.00 -5.32
C LYS A 14 -4.74 -0.64 -5.71
N SER A 15 -5.57 0.29 -6.20
CA SER A 15 -5.09 1.59 -6.63
C SER A 15 -4.46 2.35 -5.47
N ALA A 16 -5.16 2.38 -4.33
CA ALA A 16 -4.66 3.03 -3.13
C ALA A 16 -3.37 2.35 -2.67
N LEU A 17 -3.33 1.01 -2.69
CA LEU A 17 -2.16 0.26 -2.30
C LEU A 17 -0.98 0.67 -3.20
N SER A 18 -1.19 0.66 -4.52
CA SER A 18 -0.17 1.05 -5.48
C SER A 18 0.32 2.46 -5.14
N ARG A 19 -0.61 3.40 -5.02
CA ARG A 19 -0.32 4.78 -4.67
C ARG A 19 0.50 4.85 -3.39
N HIS A 20 0.16 4.03 -2.39
CA HIS A 20 0.88 4.02 -1.13
C HIS A 20 2.36 3.68 -1.33
N GLN A 21 2.74 2.93 -2.38
CA GLN A 21 4.15 2.69 -2.61
C GLN A 21 4.94 3.96 -2.92
N ARG A 22 4.30 5.14 -2.92
CA ARG A 22 5.06 6.39 -2.97
C ARG A 22 6.03 6.38 -1.78
N VAL A 23 5.63 5.75 -0.66
CA VAL A 23 6.49 5.53 0.50
C VAL A 23 7.09 4.13 0.29
N HIS A 24 8.34 3.91 0.72
CA HIS A 24 9.12 2.67 0.55
C HIS A 24 9.57 2.53 -0.90
N LYS A 25 8.60 2.48 -1.81
CA LYS A 25 8.78 2.32 -3.24
C LYS A 25 9.43 0.97 -3.55
N ASN A 26 8.82 -0.10 -3.01
CA ASN A 26 9.26 -1.47 -3.19
C ASN A 26 8.18 -2.31 -3.88
N NH2 A 27 6.93 -2.20 -3.42
HN1 NH2 A 27 6.21 -2.75 -3.86
HN2 NH2 A 27 6.69 -1.58 -2.65
ZN ZN B . 3.47 0.65 3.47
C ACE A 1 -7.53 -4.93 2.74
O ACE A 1 -6.98 -5.90 3.28
CH3 ACE A 1 -8.90 -4.45 3.20
H1 ACE A 1 -9.61 -4.55 2.38
H2 ACE A 1 -9.25 -5.06 4.05
H3 ACE A 1 -8.84 -3.42 3.52
N TYR A 2 -6.96 -4.25 1.76
CA TYR A 2 -5.65 -4.58 1.22
C TYR A 2 -4.60 -4.13 2.23
N LYS A 3 -4.06 -5.08 3.00
CA LYS A 3 -3.02 -4.78 3.96
C LYS A 3 -1.69 -4.67 3.21
N CYS A 4 -0.92 -3.59 3.41
CA CYS A 4 0.35 -3.41 2.74
C CYS A 4 1.33 -4.57 3.00
N GLY A 5 1.22 -5.25 4.15
CA GLY A 5 2.11 -6.34 4.50
C GLY A 5 3.44 -5.77 5.02
N LEU A 6 4.08 -4.91 4.24
CA LEU A 6 5.35 -4.30 4.61
C LEU A 6 5.16 -3.31 5.76
N CYS A 7 3.97 -2.69 5.88
CA CYS A 7 3.69 -1.75 6.97
C CYS A 7 2.18 -1.74 7.27
N GLU A 8 1.55 -2.89 7.05
CA GLU A 8 0.15 -3.29 7.21
C GLU A 8 -0.99 -2.26 7.24
N ARG A 9 -0.78 -1.04 6.73
CA ARG A 9 -1.86 -0.10 6.58
C ARG A 9 -2.85 -0.82 5.65
N SER A 10 -4.14 -0.78 6.01
CA SER A 10 -5.22 -1.45 5.31
C SER A 10 -5.93 -0.45 4.39
N PHE A 11 -5.78 -0.63 3.07
CA PHE A 11 -6.34 0.23 2.05
C PHE A 11 -7.58 -0.43 1.45
N VAL A 12 -8.63 0.35 1.19
CA VAL A 12 -9.87 -0.20 0.65
C VAL A 12 -9.72 -0.69 -0.79
N GLU A 13 -9.01 0.06 -1.64
CA GLU A 13 -8.81 -0.28 -3.05
C GLU A 13 -7.34 -0.55 -3.37
N LYS A 14 -7.11 -1.46 -4.32
CA LYS A 14 -5.78 -1.85 -4.79
C LYS A 14 -5.04 -0.63 -5.37
N SER A 15 -5.78 0.30 -5.96
CA SER A 15 -5.25 1.52 -6.51
C SER A 15 -4.58 2.30 -5.37
N ALA A 16 -5.29 2.48 -4.25
CA ALA A 16 -4.74 3.16 -3.08
C ALA A 16 -3.47 2.45 -2.60
N LEU A 17 -3.50 1.12 -2.54
CA LEU A 17 -2.35 0.33 -2.16
C LEU A 17 -1.19 0.72 -3.06
N SER A 18 -1.40 0.68 -4.37
CA SER A 18 -0.38 1.05 -5.35
C SER A 18 0.12 2.48 -5.08
N ARG A 19 -0.80 3.44 -4.89
CA ARG A 19 -0.43 4.82 -4.59
C ARG A 19 0.37 4.90 -3.29
N HIS A 20 0.21 3.93 -2.39
CA HIS A 20 0.97 3.88 -1.16
C HIS A 20 2.37 3.29 -1.43
N GLN A 21 2.48 2.10 -2.06
CA GLN A 21 3.76 1.42 -2.24
C GLN A 21 4.92 2.25 -2.74
N ARG A 22 4.69 3.26 -3.57
CA ARG A 22 5.76 4.15 -4.04
C ARG A 22 6.68 4.57 -2.87
N VAL A 23 6.12 4.64 -1.66
CA VAL A 23 6.78 4.93 -0.40
C VAL A 23 8.00 4.02 -0.13
N HIS A 24 7.88 2.70 -0.40
CA HIS A 24 8.94 1.71 -0.17
C HIS A 24 9.53 1.18 -1.46
N LYS A 25 8.69 1.15 -2.52
CA LYS A 25 8.95 0.56 -3.80
C LYS A 25 10.09 1.25 -4.56
N ASN A 26 11.31 1.15 -4.02
CA ASN A 26 12.53 1.74 -4.57
C ASN A 26 12.34 3.25 -4.74
N NH2 A 27 11.82 3.91 -3.70
HN1 NH2 A 27 11.68 4.90 -3.77
HN2 NH2 A 27 11.56 3.40 -2.87
ZN ZN B . 3.45 0.18 3.26
C ACE A 1 -7.40 -5.46 2.52
O ACE A 1 -6.67 -6.18 3.21
CH3 ACE A 1 -8.86 -5.26 2.89
H1 ACE A 1 -9.48 -5.40 2.01
H2 ACE A 1 -9.15 -5.99 3.65
H3 ACE A 1 -9.00 -4.25 3.29
N TYR A 2 -6.95 -4.82 1.44
CA TYR A 2 -5.57 -4.95 1.01
C TYR A 2 -4.69 -4.23 2.01
N LYS A 3 -3.77 -4.96 2.65
CA LYS A 3 -2.81 -4.43 3.59
C LYS A 3 -1.46 -4.33 2.88
N CYS A 4 -0.74 -3.22 3.10
CA CYS A 4 0.56 -3.03 2.48
C CYS A 4 1.55 -4.02 3.08
N GLY A 5 1.97 -5.04 2.33
CA GLY A 5 2.92 -6.04 2.83
C GLY A 5 4.12 -5.45 3.57
N LEU A 6 4.57 -4.27 3.16
CA LEU A 6 5.71 -3.58 3.75
C LEU A 6 5.40 -2.86 5.07
N CYS A 7 4.13 -2.50 5.39
CA CYS A 7 3.86 -1.78 6.64
C CYS A 7 2.42 -1.96 7.18
N GLU A 8 1.74 -3.00 6.70
CA GLU A 8 0.40 -3.47 7.01
C GLU A 8 -0.68 -2.43 7.29
N ARG A 9 -0.63 -1.28 6.61
CA ARG A 9 -1.69 -0.30 6.68
C ARG A 9 -2.75 -0.82 5.71
N SER A 10 -4.04 -0.71 6.07
CA SER A 10 -5.15 -1.17 5.24
C SER A 10 -5.54 -0.10 4.22
N PHE A 11 -5.80 -0.50 2.96
CA PHE A 11 -6.18 0.42 1.89
C PHE A 11 -7.52 0.07 1.27
N VAL A 12 -7.84 -1.22 1.18
CA VAL A 12 -9.05 -1.81 0.65
C VAL A 12 -9.13 -1.72 -0.88
N GLU A 13 -8.64 -0.61 -1.42
CA GLU A 13 -8.61 -0.28 -2.81
C GLU A 13 -7.20 -0.51 -3.37
N LYS A 14 -7.07 -1.35 -4.39
CA LYS A 14 -5.79 -1.65 -5.03
C LYS A 14 -5.11 -0.36 -5.51
N SER A 15 -5.90 0.56 -6.07
CA SER A 15 -5.44 1.85 -6.56
C SER A 15 -4.74 2.64 -5.43
N ALA A 16 -5.32 2.60 -4.23
CA ALA A 16 -4.77 3.29 -3.07
C ALA A 16 -3.53 2.54 -2.58
N LEU A 17 -3.60 1.21 -2.55
CA LEU A 17 -2.49 0.37 -2.13
C LEU A 17 -1.27 0.70 -3.01
N SER A 18 -1.49 0.74 -4.33
CA SER A 18 -0.48 1.07 -5.32
C SER A 18 0.11 2.43 -4.99
N ARG A 19 -0.74 3.46 -4.88
CA ARG A 19 -0.28 4.80 -4.54
C ARG A 19 0.55 4.77 -3.26
N HIS A 20 0.10 4.05 -2.24
CA HIS A 20 0.81 3.98 -0.98
C HIS A 20 2.22 3.40 -1.19
N GLN A 21 2.47 2.54 -2.17
CA GLN A 21 3.83 2.07 -2.36
C GLN A 21 4.79 3.21 -2.65
N ARG A 22 4.35 4.39 -3.10
CA ARG A 22 5.25 5.52 -3.32
C ARG A 22 6.10 5.80 -2.06
N VAL A 23 5.57 5.45 -0.89
CA VAL A 23 6.18 5.60 0.41
C VAL A 23 7.46 4.76 0.54
N HIS A 24 7.54 3.64 -0.18
CA HIS A 24 8.66 2.69 -0.12
C HIS A 24 9.31 2.49 -1.48
N LYS A 25 8.46 2.11 -2.44
CA LYS A 25 8.68 1.79 -3.83
C LYS A 25 9.97 0.99 -4.10
N ASN A 26 10.32 0.11 -3.17
CA ASN A 26 11.49 -0.75 -3.22
C ASN A 26 11.08 -2.15 -3.70
N NH2 A 27 9.99 -2.68 -3.16
HN1 NH2 A 27 9.69 -3.60 -3.46
HN2 NH2 A 27 9.48 -2.17 -2.45
ZN ZN B . 3.36 0.66 3.29
C ACE A 1 -7.28 -6.37 0.26
O ACE A 1 -6.70 -7.11 -0.53
CH3 ACE A 1 -8.68 -6.70 0.74
H1 ACE A 1 -9.40 -6.09 0.17
H2 ACE A 1 -8.89 -7.75 0.57
H3 ACE A 1 -8.78 -6.48 1.81
N TYR A 2 -6.71 -5.26 0.76
CA TYR A 2 -5.39 -4.81 0.40
C TYR A 2 -4.78 -4.19 1.66
N LYS A 3 -3.59 -4.67 2.04
CA LYS A 3 -2.81 -4.25 3.18
C LYS A 3 -1.37 -4.12 2.68
N CYS A 4 -0.59 -3.17 3.19
CA CYS A 4 0.77 -2.99 2.71
C CYS A 4 1.73 -3.90 3.47
N GLY A 5 2.22 -4.96 2.83
CA GLY A 5 3.17 -5.89 3.45
C GLY A 5 4.33 -5.20 4.17
N LEU A 6 4.76 -4.03 3.67
CA LEU A 6 5.87 -3.28 4.24
C LEU A 6 5.49 -2.48 5.50
N CYS A 7 4.21 -2.18 5.75
CA CYS A 7 3.85 -1.40 6.94
C CYS A 7 2.44 -1.65 7.47
N GLU A 8 1.85 -2.80 7.12
CA GLU A 8 0.57 -3.37 7.49
C GLU A 8 -0.68 -2.46 7.49
N ARG A 9 -0.56 -1.19 7.09
CA ARG A 9 -1.71 -0.33 6.96
C ARG A 9 -2.68 -1.01 5.99
N SER A 10 -3.98 -0.84 6.25
CA SER A 10 -5.07 -1.39 5.45
C SER A 10 -5.55 -0.32 4.48
N PHE A 11 -5.75 -0.69 3.21
CA PHE A 11 -6.16 0.23 2.15
C PHE A 11 -7.41 -0.22 1.40
N VAL A 12 -7.68 -1.52 1.41
CA VAL A 12 -8.81 -2.19 0.76
C VAL A 12 -9.12 -1.79 -0.69
N GLU A 13 -8.08 -1.32 -1.40
CA GLU A 13 -8.09 -0.98 -2.80
C GLU A 13 -6.67 -1.03 -3.32
N LYS A 14 -6.47 -1.62 -4.50
CA LYS A 14 -5.16 -1.67 -5.13
C LYS A 14 -4.74 -0.25 -5.52
N SER A 15 -5.68 0.68 -5.68
CA SER A 15 -5.42 2.05 -6.09
C SER A 15 -4.63 2.74 -4.98
N ALA A 16 -5.30 2.86 -3.83
CA ALA A 16 -4.75 3.43 -2.62
C ALA A 16 -3.41 2.76 -2.30
N LEU A 17 -3.32 1.43 -2.42
CA LEU A 17 -2.10 0.72 -2.18
C LEU A 17 -1.00 1.19 -3.15
N SER A 18 -1.25 1.16 -4.45
CA SER A 18 -0.27 1.59 -5.45
C SER A 18 0.21 3.00 -5.12
N ARG A 19 -0.74 3.91 -4.82
CA ARG A 19 -0.40 5.27 -4.43
C ARG A 19 0.50 5.23 -3.20
N HIS A 20 0.13 4.46 -2.18
CA HIS A 20 0.89 4.32 -0.96
C HIS A 20 2.29 3.81 -1.26
N GLN A 21 2.52 2.92 -2.23
CA GLN A 21 3.88 2.52 -2.54
C GLN A 21 4.79 3.68 -2.96
N ARG A 22 4.28 4.88 -3.25
CA ARG A 22 5.17 6.02 -3.47
C ARG A 22 6.11 6.17 -2.26
N VAL A 23 5.63 5.76 -1.08
CA VAL A 23 6.32 5.78 0.19
C VAL A 23 7.47 4.76 0.20
N HIS A 24 7.30 3.60 -0.45
CA HIS A 24 8.30 2.54 -0.44
C HIS A 24 8.03 1.45 -1.50
N LYS A 25 8.15 1.82 -2.77
CA LYS A 25 8.00 0.90 -3.90
C LYS A 25 9.25 0.04 -4.06
N ASN A 26 9.59 -0.73 -3.03
CA ASN A 26 10.76 -1.60 -3.02
C ASN A 26 10.50 -2.84 -3.87
N NH2 A 27 10.40 -2.67 -5.19
HN1 NH2 A 27 10.24 -3.45 -5.79
HN2 NH2 A 27 10.47 -1.72 -5.55
ZN ZN B . 3.45 0.77 3.35
C ACE A 1 -7.60 -5.41 1.97
O ACE A 1 -7.11 -6.38 2.54
CH3 ACE A 1 -9.04 -5.00 2.24
H1 ACE A 1 -9.60 -5.00 1.30
H2 ACE A 1 -9.51 -5.70 2.93
H3 ACE A 1 -9.07 -4.01 2.67
N TYR A 2 -6.91 -4.64 1.13
CA TYR A 2 -5.51 -4.90 0.80
C TYR A 2 -4.66 -4.43 1.97
N LYS A 3 -3.51 -5.05 2.20
CA LYS A 3 -2.60 -4.69 3.29
C LYS A 3 -1.20 -4.58 2.71
N CYS A 4 -0.45 -3.57 3.13
CA CYS A 4 0.90 -3.35 2.64
C CYS A 4 1.86 -4.18 3.50
N GLY A 5 2.51 -5.19 2.91
CA GLY A 5 3.44 -6.06 3.64
C GLY A 5 4.59 -5.36 4.36
N LEU A 6 4.79 -4.05 4.12
CA LEU A 6 5.83 -3.23 4.73
C LEU A 6 5.26 -2.17 5.67
N CYS A 7 3.95 -2.20 5.98
CA CYS A 7 3.35 -1.22 6.90
C CYS A 7 2.18 -1.80 7.70
N GLU A 8 1.40 -2.69 7.05
CA GLU A 8 0.21 -3.35 7.55
C GLU A 8 -0.99 -2.40 7.65
N ARG A 9 -0.90 -1.25 6.99
CA ARG A 9 -2.00 -0.32 6.89
C ARG A 9 -3.02 -0.98 5.98
N SER A 10 -4.30 -0.81 6.27
CA SER A 10 -5.39 -1.38 5.49
C SER A 10 -5.79 -0.41 4.40
N PHE A 11 -5.93 -0.90 3.16
CA PHE A 11 -6.28 -0.13 1.97
C PHE A 11 -7.46 -0.78 1.29
N VAL A 12 -8.53 0.00 1.09
CA VAL A 12 -9.75 -0.51 0.47
C VAL A 12 -9.50 -0.92 -0.99
N GLU A 13 -8.70 -0.14 -1.73
CA GLU A 13 -8.41 -0.38 -3.13
C GLU A 13 -6.96 -0.70 -3.42
N LYS A 14 -6.77 -1.52 -4.46
CA LYS A 14 -5.45 -1.87 -4.97
C LYS A 14 -4.80 -0.58 -5.48
N SER A 15 -5.61 0.32 -6.03
CA SER A 15 -5.18 1.63 -6.51
C SER A 15 -4.53 2.40 -5.35
N ALA A 16 -5.20 2.39 -4.19
CA ALA A 16 -4.70 3.06 -3.00
C ALA A 16 -3.37 2.44 -2.60
N LEU A 17 -3.26 1.11 -2.64
CA LEU A 17 -2.04 0.41 -2.34
C LEU A 17 -0.93 0.90 -3.28
N SER A 18 -1.20 0.87 -4.58
CA SER A 18 -0.28 1.31 -5.62
C SER A 18 0.21 2.72 -5.29
N ARG A 19 -0.72 3.63 -4.99
CA ARG A 19 -0.40 5.00 -4.61
C ARG A 19 0.44 5.02 -3.33
N HIS A 20 0.13 4.15 -2.36
CA HIS A 20 0.85 4.07 -1.11
C HIS A 20 2.32 3.69 -1.33
N GLN A 21 2.66 2.91 -2.37
CA GLN A 21 4.05 2.56 -2.65
C GLN A 21 4.97 3.75 -2.95
N ARG A 22 4.49 4.99 -2.79
CA ARG A 22 5.36 6.16 -2.86
C ARG A 22 6.38 5.97 -1.73
N VAL A 23 5.94 5.42 -0.58
CA VAL A 23 6.83 5.09 0.52
C VAL A 23 7.41 3.70 0.16
N HIS A 24 8.63 3.39 0.60
CA HIS A 24 9.37 2.16 0.30
C HIS A 24 9.84 2.15 -1.16
N LYS A 25 8.89 2.25 -2.08
CA LYS A 25 9.07 2.25 -3.52
C LYS A 25 9.77 0.97 -3.98
N ASN A 26 9.15 -0.17 -3.67
CA ASN A 26 9.65 -1.50 -4.03
C ASN A 26 9.49 -1.73 -5.53
N NH2 A 27 10.28 -1.02 -6.34
HN1 NH2 A 27 10.22 -1.15 -7.33
HN2 NH2 A 27 10.92 -0.35 -5.93
ZN ZN B . 3.61 0.56 3.08
C ACE A 1 -7.34 -5.90 0.72
O ACE A 1 -6.95 -7.04 0.47
CH3 ACE A 1 -8.78 -5.65 1.12
H1 ACE A 1 -9.27 -5.03 0.36
H2 ACE A 1 -9.33 -6.59 1.20
H3 ACE A 1 -8.82 -5.14 2.08
N TYR A 2 -6.54 -4.84 0.68
CA TYR A 2 -5.13 -4.87 0.32
C TYR A 2 -4.32 -4.34 1.51
N LYS A 3 -3.09 -4.85 1.68
CA LYS A 3 -2.18 -4.44 2.72
C LYS A 3 -0.82 -4.25 2.07
N CYS A 4 -0.02 -3.32 2.61
CA CYS A 4 1.28 -2.98 2.06
C CYS A 4 2.37 -3.98 2.45
N GLY A 5 2.24 -4.67 3.58
CA GLY A 5 3.22 -5.66 4.00
C GLY A 5 4.46 -5.02 4.63
N LEU A 6 5.07 -4.04 3.94
CA LEU A 6 6.25 -3.33 4.44
C LEU A 6 5.84 -2.48 5.66
N CYS A 7 4.56 -2.13 5.74
CA CYS A 7 3.91 -1.41 6.81
C CYS A 7 2.47 -1.88 6.66
N GLU A 8 1.98 -2.67 7.61
CA GLU A 8 0.67 -3.32 7.52
C GLU A 8 -0.54 -2.41 7.68
N ARG A 9 -0.61 -1.36 6.87
CA ARG A 9 -1.75 -0.48 6.79
C ARG A 9 -2.73 -1.21 5.87
N SER A 10 -4.02 -1.08 6.15
CA SER A 10 -5.08 -1.73 5.37
C SER A 10 -5.72 -0.71 4.44
N PHE A 11 -5.95 -1.10 3.18
CA PHE A 11 -6.51 -0.29 2.12
C PHE A 11 -7.66 -1.08 1.48
N VAL A 12 -8.77 -0.40 1.17
CA VAL A 12 -9.92 -1.07 0.59
C VAL A 12 -9.70 -1.45 -0.88
N GLU A 13 -9.12 -0.55 -1.68
CA GLU A 13 -8.80 -0.81 -3.08
C GLU A 13 -7.31 -0.63 -3.38
N LYS A 14 -6.85 -1.32 -4.43
CA LYS A 14 -5.48 -1.33 -4.89
C LYS A 14 -4.94 0.06 -5.24
N SER A 15 -5.78 0.97 -5.74
CA SER A 15 -5.34 2.28 -6.18
C SER A 15 -4.65 3.05 -5.05
N ALA A 16 -5.35 3.26 -3.95
CA ALA A 16 -4.84 3.96 -2.77
C ALA A 16 -3.56 3.30 -2.28
N LEU A 17 -3.57 1.97 -2.18
CA LEU A 17 -2.43 1.24 -1.73
C LEU A 17 -1.22 1.43 -2.64
N SER A 18 -1.39 1.27 -3.95
CA SER A 18 -0.30 1.45 -4.90
C SER A 18 0.21 2.88 -4.81
N ARG A 19 -0.72 3.84 -4.73
CA ARG A 19 -0.39 5.24 -4.55
C ARG A 19 0.44 5.38 -3.27
N HIS A 20 0.07 4.66 -2.20
CA HIS A 20 0.80 4.69 -0.95
C HIS A 20 2.20 4.15 -1.22
N GLN A 21 2.36 3.00 -1.90
CA GLN A 21 3.67 2.43 -2.20
C GLN A 21 4.62 3.35 -2.94
N ARG A 22 4.18 4.49 -3.50
CA ARG A 22 5.14 5.43 -4.07
C ARG A 22 6.18 5.77 -2.98
N VAL A 23 5.76 5.70 -1.72
CA VAL A 23 6.53 5.90 -0.52
C VAL A 23 7.65 4.85 -0.32
N HIS A 24 7.44 3.60 -0.77
CA HIS A 24 8.38 2.50 -0.64
C HIS A 24 7.95 1.31 -1.52
N LYS A 25 8.16 1.41 -2.83
CA LYS A 25 7.82 0.35 -3.78
C LYS A 25 8.84 -0.79 -3.71
N ASN A 26 8.90 -1.47 -2.56
CA ASN A 26 9.77 -2.60 -2.25
C ASN A 26 11.26 -2.23 -2.24
N NH2 A 27 11.81 -1.80 -3.38
HN1 NH2 A 27 12.78 -1.57 -3.40
HN2 NH2 A 27 11.22 -1.72 -4.20
ZN ZN B . 3.61 0.98 3.33
C ACE A 1 -6.88 -5.11 2.21
O ACE A 1 -6.22 -6.01 2.72
CH3 ACE A 1 -8.27 -4.77 2.73
H1 ACE A 1 -9.00 -4.84 1.93
H2 ACE A 1 -8.55 -5.46 3.52
H3 ACE A 1 -8.27 -3.75 3.13
N TYR A 2 -6.44 -4.38 1.18
CA TYR A 2 -5.12 -4.59 0.59
C TYR A 2 -4.09 -4.06 1.57
N LYS A 3 -3.13 -4.90 1.97
CA LYS A 3 -2.07 -4.57 2.92
C LYS A 3 -0.73 -4.56 2.17
N CYS A 4 0.10 -3.55 2.40
CA CYS A 4 1.38 -3.40 1.72
C CYS A 4 2.48 -4.30 2.30
N GLY A 5 2.25 -4.97 3.42
CA GLY A 5 3.23 -5.87 4.04
C GLY A 5 4.38 -5.15 4.73
N LEU A 6 5.00 -4.17 4.07
CA LEU A 6 6.14 -3.43 4.59
C LEU A 6 5.74 -2.59 5.81
N CYS A 7 4.52 -2.06 5.79
CA CYS A 7 3.94 -1.30 6.91
C CYS A 7 2.43 -1.56 6.99
N GLU A 8 2.00 -2.67 6.39
CA GLU A 8 0.65 -3.22 6.24
C GLU A 8 -0.54 -2.29 6.51
N ARG A 9 -0.50 -1.08 5.96
CA ARG A 9 -1.61 -0.16 6.05
C ARG A 9 -2.69 -0.78 5.16
N SER A 10 -3.90 -0.93 5.68
CA SER A 10 -5.00 -1.59 4.99
C SER A 10 -5.81 -0.60 4.14
N PHE A 11 -5.88 -0.82 2.83
CA PHE A 11 -6.64 0.02 1.90
C PHE A 11 -7.79 -0.76 1.32
N VAL A 12 -8.97 -0.12 1.21
CA VAL A 12 -10.16 -0.70 0.65
C VAL A 12 -9.94 -1.07 -0.83
N GLU A 13 -9.23 -0.22 -1.58
CA GLU A 13 -8.90 -0.47 -2.99
C GLU A 13 -7.40 -0.67 -3.16
N LYS A 14 -7.04 -1.48 -4.15
CA LYS A 14 -5.66 -1.73 -4.51
C LYS A 14 -5.06 -0.48 -5.16
N SER A 15 -5.89 0.43 -5.68
CA SER A 15 -5.45 1.67 -6.29
C SER A 15 -4.73 2.50 -5.24
N ALA A 16 -5.46 2.78 -4.15
CA ALA A 16 -4.96 3.51 -3.00
C ALA A 16 -3.66 2.87 -2.53
N LEU A 17 -3.62 1.55 -2.38
CA LEU A 17 -2.41 0.86 -1.99
C LEU A 17 -1.27 1.12 -3.01
N SER A 18 -1.55 0.98 -4.31
CA SER A 18 -0.54 1.22 -5.33
C SER A 18 0.05 2.61 -5.10
N ARG A 19 -0.83 3.59 -4.89
CA ARG A 19 -0.43 4.95 -4.58
C ARG A 19 0.34 4.98 -3.26
N HIS A 20 0.03 4.10 -2.29
CA HIS A 20 0.73 4.15 -1.02
C HIS A 20 2.16 3.63 -1.17
N GLN A 21 2.43 2.72 -2.12
CA GLN A 21 3.77 2.24 -2.31
C GLN A 21 4.80 3.35 -2.49
N ARG A 22 4.37 4.54 -2.90
CA ARG A 22 5.27 5.69 -3.05
C ARG A 22 6.16 5.89 -1.82
N VAL A 23 5.72 5.54 -0.61
CA VAL A 23 6.56 5.71 0.58
C VAL A 23 7.71 4.68 0.63
N HIS A 24 7.57 3.52 -0.01
CA HIS A 24 8.56 2.43 0.02
C HIS A 24 9.20 2.21 -1.35
N LYS A 25 8.34 1.91 -2.31
CA LYS A 25 8.58 1.54 -3.68
C LYS A 25 9.51 0.32 -3.81
N ASN A 26 9.61 -0.51 -2.76
CA ASN A 26 10.47 -1.68 -2.76
C ASN A 26 9.79 -2.82 -3.54
N NH2 A 27 9.68 -2.65 -4.86
HN1 NH2 A 27 9.25 -3.36 -5.42
HN2 NH2 A 27 10.04 -1.79 -5.27
ZN ZN B . 3.16 0.74 3.54
C ACE A 1 -7.23 -4.98 2.16
O ACE A 1 -6.82 -5.89 2.88
CH3 ACE A 1 -8.63 -4.43 2.33
H1 ACE A 1 -9.17 -4.49 1.38
H2 ACE A 1 -9.18 -5.01 3.08
H3 ACE A 1 -8.58 -3.39 2.65
N TYR A 2 -6.48 -4.44 1.20
CA TYR A 2 -5.12 -4.86 0.91
C TYR A 2 -4.21 -4.30 2.01
N LYS A 3 -3.18 -5.04 2.40
CA LYS A 3 -2.21 -4.63 3.40
C LYS A 3 -0.85 -4.56 2.71
N CYS A 4 -0.12 -3.47 2.94
CA CYS A 4 1.17 -3.20 2.31
C CYS A 4 2.29 -4.15 2.74
N GLY A 5 2.16 -4.86 3.87
CA GLY A 5 3.17 -5.81 4.32
C GLY A 5 4.35 -5.11 4.98
N LEU A 6 4.97 -4.14 4.29
CA LEU A 6 6.09 -3.39 4.85
C LEU A 6 5.58 -2.56 6.04
N CYS A 7 4.30 -2.19 5.99
CA CYS A 7 3.57 -1.48 7.01
C CYS A 7 2.11 -1.84 6.69
N GLU A 8 1.48 -2.68 7.52
CA GLU A 8 0.16 -3.22 7.26
C GLU A 8 -1.02 -2.24 7.42
N ARG A 9 -0.94 -1.10 6.73
CA ARG A 9 -2.03 -0.14 6.70
C ARG A 9 -3.06 -0.72 5.72
N SER A 10 -4.34 -0.68 6.11
CA SER A 10 -5.44 -1.22 5.33
C SER A 10 -5.86 -0.29 4.20
N PHE A 11 -5.66 -0.72 2.95
CA PHE A 11 -6.03 0.01 1.74
C PHE A 11 -7.13 -0.77 1.04
N VAL A 12 -8.35 -0.25 1.07
CA VAL A 12 -9.48 -0.93 0.45
C VAL A 12 -9.28 -1.12 -1.06
N GLU A 13 -8.83 -0.07 -1.75
CA GLU A 13 -8.61 -0.04 -3.18
C GLU A 13 -7.17 -0.42 -3.52
N LYS A 14 -6.99 -1.26 -4.55
CA LYS A 14 -5.66 -1.69 -5.01
C LYS A 14 -4.88 -0.46 -5.47
N SER A 15 -5.55 0.48 -6.14
CA SER A 15 -4.97 1.73 -6.57
C SER A 15 -4.41 2.50 -5.36
N ALA A 16 -5.15 2.50 -4.24
CA ALA A 16 -4.72 3.19 -3.03
C ALA A 16 -3.47 2.50 -2.47
N LEU A 17 -3.45 1.16 -2.45
CA LEU A 17 -2.31 0.41 -1.98
C LEU A 17 -1.11 0.82 -2.84
N SER A 18 -1.26 0.72 -4.16
CA SER A 18 -0.23 1.07 -5.12
C SER A 18 0.28 2.49 -4.83
N ARG A 19 -0.65 3.45 -4.70
CA ARG A 19 -0.32 4.83 -4.40
C ARG A 19 0.47 4.91 -3.09
N HIS A 20 0.07 4.16 -2.06
CA HIS A 20 0.76 4.18 -0.78
C HIS A 20 2.22 3.75 -0.96
N GLN A 21 2.54 2.85 -1.91
CA GLN A 21 3.93 2.49 -2.14
C GLN A 21 4.82 3.67 -2.52
N ARG A 22 4.26 4.88 -2.74
CA ARG A 22 5.06 6.07 -2.95
C ARG A 22 6.06 6.20 -1.80
N VAL A 23 5.67 5.83 -0.57
CA VAL A 23 6.57 5.92 0.58
C VAL A 23 7.61 4.78 0.60
N HIS A 24 7.36 3.67 -0.11
CA HIS A 24 8.23 2.51 -0.20
C HIS A 24 7.72 1.56 -1.29
N LYS A 25 8.45 1.45 -2.40
CA LYS A 25 8.11 0.61 -3.52
C LYS A 25 9.11 -0.54 -3.57
N ASN A 26 9.61 -0.83 -4.77
CA ASN A 26 10.56 -1.88 -5.10
C ASN A 26 11.01 -1.63 -6.53
N NH2 A 27 11.94 -2.44 -7.05
HN1 NH2 A 27 12.24 -2.27 -8.00
HN2 NH2 A 27 12.32 -3.19 -6.50
ZN ZN B . 3.45 0.83 3.67
C ACE A 1 -7.45 -5.92 0.44
O ACE A 1 -8.65 -5.82 0.69
CH3 ACE A 1 -6.86 -7.26 0.02
H1 ACE A 1 -6.15 -7.60 0.77
H2 ACE A 1 -7.66 -8.01 -0.05
H3 ACE A 1 -6.38 -7.18 -0.95
N TYR A 2 -6.65 -4.86 0.55
CA TYR A 2 -5.22 -4.80 0.30
C TYR A 2 -4.59 -4.12 1.53
N LYS A 3 -3.44 -4.64 1.96
CA LYS A 3 -2.66 -4.15 3.08
C LYS A 3 -1.21 -4.07 2.60
N CYS A 4 -0.45 -3.07 3.04
CA CYS A 4 0.93 -2.91 2.61
C CYS A 4 1.82 -3.97 3.26
N GLY A 5 2.31 -4.95 2.50
CA GLY A 5 3.19 -5.98 3.03
C GLY A 5 4.36 -5.42 3.85
N LEU A 6 4.83 -4.22 3.50
CA LEU A 6 5.94 -3.56 4.16
C LEU A 6 5.55 -2.80 5.44
N CYS A 7 4.27 -2.47 5.69
CA CYS A 7 3.91 -1.72 6.90
C CYS A 7 2.47 -1.91 7.39
N GLU A 8 1.81 -2.97 6.92
CA GLU A 8 0.47 -3.45 7.23
C GLU A 8 -0.66 -2.42 7.30
N ARG A 9 -0.47 -1.19 6.84
CA ARG A 9 -1.55 -0.22 6.79
C ARG A 9 -2.58 -0.80 5.82
N SER A 10 -3.85 -0.58 6.12
CA SER A 10 -5.01 -1.06 5.38
C SER A 10 -5.38 -0.06 4.27
N PHE A 11 -5.40 -0.52 3.02
CA PHE A 11 -5.74 0.31 1.85
C PHE A 11 -7.06 -0.11 1.23
N VAL A 12 -7.43 -1.39 1.36
CA VAL A 12 -8.66 -1.98 0.89
C VAL A 12 -8.76 -2.12 -0.63
N GLU A 13 -8.09 -1.24 -1.38
CA GLU A 13 -8.06 -1.23 -2.83
C GLU A 13 -6.62 -1.15 -3.36
N LYS A 14 -6.39 -1.83 -4.48
CA LYS A 14 -5.10 -1.89 -5.17
C LYS A 14 -4.60 -0.49 -5.50
N SER A 15 -5.49 0.42 -5.92
CA SER A 15 -5.14 1.77 -6.30
C SER A 15 -4.46 2.49 -5.12
N ALA A 16 -5.17 2.61 -4.00
CA ALA A 16 -4.65 3.25 -2.81
C ALA A 16 -3.36 2.57 -2.36
N LEU A 17 -3.31 1.24 -2.41
CA LEU A 17 -2.14 0.48 -2.04
C LEU A 17 -0.95 0.94 -2.89
N SER A 18 -1.07 0.85 -4.22
CA SER A 18 0.01 1.22 -5.12
C SER A 18 0.41 2.67 -4.90
N ARG A 19 -0.57 3.55 -4.76
CA ARG A 19 -0.32 4.96 -4.49
C ARG A 19 0.49 5.08 -3.19
N HIS A 20 0.17 4.25 -2.17
CA HIS A 20 0.93 4.29 -0.94
C HIS A 20 2.35 3.79 -1.23
N GLN A 21 2.58 2.71 -2.00
CA GLN A 21 3.93 2.24 -2.27
C GLN A 21 4.81 3.17 -3.11
N ARG A 22 4.36 4.39 -3.40
CA ARG A 22 5.30 5.38 -3.91
C ARG A 22 6.30 5.59 -2.76
N VAL A 23 5.80 5.44 -1.52
CA VAL A 23 6.52 5.45 -0.26
C VAL A 23 7.27 4.12 -0.14
N HIS A 24 8.44 4.09 0.51
CA HIS A 24 9.34 2.94 0.63
C HIS A 24 10.02 2.75 -0.73
N LYS A 25 9.16 2.45 -1.71
CA LYS A 25 9.31 2.26 -3.12
C LYS A 25 8.98 0.81 -3.50
N ASN A 26 7.72 0.58 -3.89
CA ASN A 26 7.17 -0.70 -4.32
C ASN A 26 7.05 -1.71 -3.17
N NH2 A 27 8.15 -2.01 -2.48
HN1 NH2 A 27 8.09 -2.67 -1.73
HN2 NH2 A 27 9.03 -1.56 -2.73
ZN ZN B . 3.65 0.79 3.48
C ACE A 1 -7.49 -5.00 1.75
O ACE A 1 -7.31 -6.20 1.94
CH3 ACE A 1 -8.80 -4.33 2.12
H1 ACE A 1 -9.24 -3.86 1.24
H2 ACE A 1 -9.50 -5.07 2.51
H3 ACE A 1 -8.62 -3.57 2.88
N TYR A 2 -6.56 -4.22 1.21
CA TYR A 2 -5.23 -4.65 0.79
C TYR A 2 -4.20 -4.17 1.81
N LYS A 3 -3.24 -5.04 2.14
CA LYS A 3 -2.15 -4.72 3.07
C LYS A 3 -0.87 -4.51 2.27
N CYS A 4 -0.04 -3.56 2.69
CA CYS A 4 1.21 -3.20 2.00
C CYS A 4 2.36 -4.16 2.33
N GLY A 5 2.25 -4.98 3.38
CA GLY A 5 3.29 -5.93 3.74
C GLY A 5 4.43 -5.26 4.52
N LEU A 6 5.01 -4.20 3.94
CA LEU A 6 6.10 -3.46 4.58
C LEU A 6 5.54 -2.68 5.78
N CYS A 7 4.25 -2.34 5.72
CA CYS A 7 3.47 -1.66 6.73
C CYS A 7 2.02 -2.05 6.39
N GLU A 8 1.49 -3.06 7.07
CA GLU A 8 0.17 -3.63 6.81
C GLU A 8 -1.01 -2.74 7.22
N ARG A 9 -1.09 -1.57 6.61
CA ARG A 9 -2.19 -0.64 6.79
C ARG A 9 -3.27 -1.10 5.80
N SER A 10 -4.51 -1.21 6.25
CA SER A 10 -5.62 -1.71 5.43
C SER A 10 -6.08 -0.68 4.40
N PHE A 11 -5.50 -0.71 3.20
CA PHE A 11 -5.88 0.18 2.12
C PHE A 11 -7.17 -0.35 1.48
N VAL A 12 -8.20 0.49 1.43
CA VAL A 12 -9.52 0.14 0.91
C VAL A 12 -9.48 -0.53 -0.47
N GLU A 13 -8.57 -0.11 -1.35
CA GLU A 13 -8.45 -0.69 -2.69
C GLU A 13 -7.00 -0.72 -3.17
N LYS A 14 -6.74 -1.60 -4.14
CA LYS A 14 -5.42 -1.78 -4.75
C LYS A 14 -4.86 -0.46 -5.27
N SER A 15 -5.72 0.42 -5.77
CA SER A 15 -5.33 1.74 -6.26
C SER A 15 -4.69 2.54 -5.12
N ALA A 16 -5.35 2.56 -3.96
CA ALA A 16 -4.86 3.28 -2.79
C ALA A 16 -3.56 2.62 -2.33
N LEU A 17 -3.51 1.29 -2.34
CA LEU A 17 -2.36 0.53 -1.94
C LEU A 17 -1.16 0.93 -2.81
N SER A 18 -1.28 0.75 -4.13
CA SER A 18 -0.20 1.07 -5.05
C SER A 18 0.18 2.54 -4.91
N ARG A 19 -0.82 3.44 -4.82
CA ARG A 19 -0.56 4.85 -4.62
C ARG A 19 0.29 5.04 -3.35
N HIS A 20 -0.03 4.31 -2.27
CA HIS A 20 0.73 4.38 -1.03
C HIS A 20 2.14 3.89 -1.32
N GLN A 21 2.35 2.80 -2.07
CA GLN A 21 3.71 2.33 -2.38
C GLN A 21 4.56 3.29 -3.19
N ARG A 22 4.08 4.49 -3.51
CA ARG A 22 5.02 5.49 -4.03
C ARG A 22 6.06 5.68 -2.91
N VAL A 23 5.62 5.49 -1.66
CA VAL A 23 6.36 5.49 -0.42
C VAL A 23 7.11 4.16 -0.32
N HIS A 24 8.30 4.14 0.29
CA HIS A 24 9.19 2.97 0.40
C HIS A 24 9.82 2.70 -0.96
N LYS A 25 8.96 2.41 -1.94
CA LYS A 25 9.25 2.12 -3.32
C LYS A 25 10.19 0.91 -3.45
N ASN A 26 9.98 -0.08 -2.57
CA ASN A 26 10.76 -1.31 -2.54
C ASN A 26 10.07 -2.38 -3.40
N NH2 A 27 8.79 -2.66 -3.11
HN1 NH2 A 27 8.31 -3.35 -3.65
HN2 NH2 A 27 8.31 -2.16 -2.37
ZN ZN B . 3.53 0.81 3.36
C ACE A 1 -7.55 -5.60 2.18
O ACE A 1 -6.93 -6.61 2.52
CH3 ACE A 1 -8.94 -5.31 2.73
H1 ACE A 1 -9.66 -5.29 1.91
H2 ACE A 1 -9.22 -6.09 3.43
H3 ACE A 1 -8.94 -4.35 3.23
N TYR A 2 -7.04 -4.70 1.32
CA TYR A 2 -5.72 -4.86 0.73
C TYR A 2 -4.70 -4.43 1.79
N LYS A 3 -3.50 -5.01 1.78
CA LYS A 3 -2.46 -4.70 2.74
C LYS A 3 -1.13 -4.46 2.02
N CYS A 4 -0.30 -3.59 2.59
CA CYS A 4 1.00 -3.23 2.05
C CYS A 4 2.08 -4.27 2.41
N GLY A 5 1.97 -4.92 3.56
CA GLY A 5 2.95 -5.93 3.98
C GLY A 5 4.20 -5.28 4.56
N LEU A 6 4.78 -4.29 3.86
CA LEU A 6 5.96 -3.58 4.33
C LEU A 6 5.62 -2.67 5.53
N CYS A 7 4.33 -2.43 5.75
CA CYS A 7 3.77 -1.68 6.86
C CYS A 7 2.32 -2.15 6.84
N GLU A 8 1.82 -2.64 7.96
CA GLU A 8 0.48 -3.20 8.06
C GLU A 8 -0.66 -2.16 8.04
N ARG A 9 -0.73 -1.39 6.97
CA ARG A 9 -1.79 -0.42 6.74
C ARG A 9 -2.87 -1.16 5.92
N SER A 10 -4.14 -0.84 6.19
CA SER A 10 -5.29 -1.41 5.52
C SER A 10 -5.72 -0.46 4.39
N PHE A 11 -5.84 -0.97 3.17
CA PHE A 11 -6.23 -0.21 1.98
C PHE A 11 -7.55 -0.77 1.47
N VAL A 12 -8.53 0.12 1.27
CA VAL A 12 -9.86 -0.24 0.80
C VAL A 12 -9.83 -0.76 -0.64
N GLU A 13 -8.92 -0.26 -1.46
CA GLU A 13 -8.77 -0.65 -2.85
C GLU A 13 -7.29 -0.73 -3.23
N LYS A 14 -6.96 -1.65 -4.15
CA LYS A 14 -5.60 -1.87 -4.62
C LYS A 14 -5.00 -0.58 -5.19
N SER A 15 -5.83 0.27 -5.81
CA SER A 15 -5.43 1.55 -6.38
C SER A 15 -4.78 2.44 -5.29
N ALA A 16 -5.40 2.49 -4.11
CA ALA A 16 -4.89 3.30 -3.00
C ALA A 16 -3.51 2.80 -2.65
N LEU A 17 -3.34 1.48 -2.53
CA LEU A 17 -2.06 0.93 -2.23
C LEU A 17 -1.06 1.21 -3.37
N SER A 18 -1.50 1.09 -4.62
CA SER A 18 -0.63 1.40 -5.75
C SER A 18 -0.03 2.79 -5.55
N ARG A 19 -0.88 3.73 -5.10
CA ARG A 19 -0.45 5.08 -4.77
C ARG A 19 0.33 5.11 -3.45
N HIS A 20 0.17 4.12 -2.55
CA HIS A 20 0.88 4.10 -1.28
C HIS A 20 2.36 3.79 -1.50
N GLN A 21 2.69 3.01 -2.54
CA GLN A 21 4.08 2.68 -2.82
C GLN A 21 4.97 3.90 -3.15
N ARG A 22 4.46 5.12 -3.01
CA ARG A 22 5.32 6.30 -3.05
C ARG A 22 6.36 6.11 -1.94
N VAL A 23 5.92 5.55 -0.80
CA VAL A 23 6.80 5.20 0.31
C VAL A 23 7.28 3.77 0.03
N HIS A 24 8.51 3.42 0.43
CA HIS A 24 9.16 2.12 0.20
C HIS A 24 9.57 1.99 -1.27
N LYS A 25 8.56 2.03 -2.15
CA LYS A 25 8.66 1.93 -3.59
C LYS A 25 9.47 0.69 -3.99
N ASN A 26 9.11 -0.46 -3.41
CA ASN A 26 9.73 -1.77 -3.63
C ASN A 26 11.13 -1.86 -3.03
N NH2 A 27 12.04 -0.98 -3.45
HN1 NH2 A 27 12.98 -1.03 -3.09
HN2 NH2 A 27 11.78 -0.28 -4.14
ZN ZN B . 3.49 0.63 3.32
C ACE A 1 -7.51 -3.87 3.21
O ACE A 1 -7.10 -4.59 4.12
CH3 ACE A 1 -8.77 -3.03 3.40
H1 ACE A 1 -9.46 -3.23 2.57
H2 ACE A 1 -9.26 -3.29 4.34
H3 ACE A 1 -8.52 -1.97 3.40
N TYR A 2 -6.89 -3.78 2.04
CA TYR A 2 -5.69 -4.52 1.72
C TYR A 2 -4.53 -4.01 2.57
N LYS A 3 -3.75 -4.92 3.15
CA LYS A 3 -2.60 -4.61 3.98
C LYS A 3 -1.35 -4.61 3.11
N CYS A 4 -0.51 -3.59 3.25
CA CYS A 4 0.72 -3.41 2.50
C CYS A 4 1.65 -4.63 2.47
N GLY A 5 1.98 -5.20 3.63
CA GLY A 5 2.89 -6.34 3.75
C GLY A 5 4.22 -5.85 4.31
N LEU A 6 4.78 -4.80 3.71
CA LEU A 6 6.02 -4.18 4.20
C LEU A 6 5.70 -3.37 5.45
N CYS A 7 4.40 -3.06 5.66
CA CYS A 7 3.82 -2.41 6.80
C CYS A 7 2.37 -2.90 6.71
N GLU A 8 1.41 -2.18 7.29
CA GLU A 8 0.01 -2.57 7.30
C GLU A 8 -0.82 -1.56 6.51
N ARG A 9 -1.65 -0.78 7.21
CA ARG A 9 -2.56 0.22 6.68
C ARG A 9 -3.61 -0.43 5.77
N SER A 10 -4.86 -0.47 6.21
CA SER A 10 -5.95 -1.10 5.46
C SER A 10 -6.38 -0.24 4.27
N PHE A 11 -5.72 -0.42 3.12
CA PHE A 11 -6.04 0.31 1.90
C PHE A 11 -7.29 -0.25 1.25
N VAL A 12 -8.36 0.54 1.25
CA VAL A 12 -9.66 0.21 0.70
C VAL A 12 -9.59 -0.41 -0.70
N GLU A 13 -8.73 0.14 -1.58
CA GLU A 13 -8.59 -0.32 -2.96
C GLU A 13 -7.13 -0.69 -3.28
N LYS A 14 -7.01 -1.55 -4.29
CA LYS A 14 -5.72 -1.98 -4.83
C LYS A 14 -4.99 -0.78 -5.42
N SER A 15 -5.74 0.25 -5.86
CA SER A 15 -5.20 1.47 -6.42
C SER A 15 -4.43 2.17 -5.31
N ALA A 16 -5.12 2.37 -4.17
CA ALA A 16 -4.56 2.98 -2.98
C ALA A 16 -3.34 2.18 -2.52
N LEU A 17 -3.41 0.84 -2.50
CA LEU A 17 -2.30 0.00 -2.11
C LEU A 17 -1.11 0.28 -3.03
N SER A 18 -1.31 0.20 -4.35
CA SER A 18 -0.27 0.46 -5.31
C SER A 18 0.32 1.85 -5.09
N ARG A 19 -0.54 2.86 -4.91
CA ARG A 19 -0.12 4.22 -4.64
C ARG A 19 0.74 4.25 -3.38
N HIS A 20 0.35 3.51 -2.34
CA HIS A 20 1.11 3.46 -1.11
C HIS A 20 2.52 2.93 -1.39
N GLN A 21 2.71 1.98 -2.33
CA GLN A 21 4.05 1.55 -2.67
C GLN A 21 4.94 2.66 -3.24
N ARG A 22 4.45 3.91 -3.35
CA ARG A 22 5.30 5.03 -3.67
C ARG A 22 6.36 5.13 -2.55
N VAL A 23 6.01 4.69 -1.33
CA VAL A 23 6.91 4.61 -0.20
C VAL A 23 7.44 3.16 -0.17
N HIS A 24 8.68 2.97 0.31
CA HIS A 24 9.42 1.71 0.42
C HIS A 24 9.79 1.15 -0.95
N LYS A 25 8.76 0.79 -1.73
CA LYS A 25 8.98 0.14 -3.02
C LYS A 25 9.61 1.07 -4.05
N ASN A 26 9.52 2.36 -3.76
CA ASN A 26 10.04 3.49 -4.52
C ASN A 26 10.48 4.54 -3.50
N NH2 A 27 11.08 5.63 -3.96
HN1 NH2 A 27 11.38 6.33 -3.31
HN2 NH2 A 27 11.24 5.74 -4.96
ZN ZN B . 3.66 0.02 3.40
C ACE A 1 -7.90 -5.47 1.77
O ACE A 1 -7.45 -6.59 1.94
CH3 ACE A 1 -9.31 -5.12 2.24
H1 ACE A 1 -9.91 -4.80 1.39
H2 ACE A 1 -9.78 -6.00 2.69
H3 ACE A 1 -9.27 -4.32 2.97
N TYR A 2 -7.22 -4.48 1.19
CA TYR A 2 -5.85 -4.63 0.69
C TYR A 2 -4.90 -4.17 1.80
N LYS A 3 -3.66 -4.67 1.80
CA LYS A 3 -2.68 -4.33 2.81
C LYS A 3 -1.28 -4.26 2.19
N CYS A 4 -0.45 -3.37 2.75
CA CYS A 4 0.91 -3.15 2.30
C CYS A 4 1.87 -4.19 2.88
N GLY A 5 2.39 -5.10 2.06
CA GLY A 5 3.34 -6.12 2.50
C GLY A 5 4.55 -5.56 3.27
N LEU A 6 4.89 -4.28 3.06
CA LEU A 6 6.01 -3.62 3.71
C LEU A 6 5.63 -2.89 5.01
N CYS A 7 4.34 -2.61 5.29
CA CYS A 7 3.99 -1.88 6.51
C CYS A 7 2.54 -2.07 6.99
N GLU A 8 1.86 -3.11 6.50
CA GLU A 8 0.51 -3.55 6.79
C GLU A 8 -0.54 -2.47 7.05
N ARG A 9 -0.47 -1.34 6.35
CA ARG A 9 -1.50 -0.33 6.44
C ARG A 9 -2.67 -0.90 5.63
N SER A 10 -3.90 -0.68 6.11
CA SER A 10 -5.11 -1.17 5.49
C SER A 10 -5.62 -0.20 4.41
N PHE A 11 -5.96 -0.71 3.23
CA PHE A 11 -6.48 0.08 2.12
C PHE A 11 -7.78 -0.54 1.61
N VAL A 12 -8.85 0.26 1.57
CA VAL A 12 -10.16 -0.15 1.13
C VAL A 12 -10.16 -0.78 -0.27
N GLU A 13 -9.33 -0.27 -1.19
CA GLU A 13 -9.23 -0.78 -2.55
C GLU A 13 -7.79 -0.69 -3.05
N LYS A 14 -7.48 -1.51 -4.07
CA LYS A 14 -6.16 -1.66 -4.67
C LYS A 14 -5.44 -0.36 -5.07
N SER A 15 -6.06 0.52 -5.86
CA SER A 15 -5.41 1.72 -6.36
C SER A 15 -4.74 2.53 -5.25
N ALA A 16 -5.44 2.76 -4.14
CA ALA A 16 -4.91 3.48 -2.99
C ALA A 16 -3.61 2.82 -2.52
N LEU A 17 -3.62 1.49 -2.38
CA LEU A 17 -2.45 0.75 -1.94
C LEU A 17 -1.32 0.87 -2.96
N SER A 18 -1.59 0.65 -4.24
CA SER A 18 -0.58 0.79 -5.27
C SER A 18 0.05 2.17 -5.18
N ARG A 19 -0.79 3.21 -5.07
CA ARG A 19 -0.33 4.58 -4.89
C ARG A 19 0.51 4.68 -3.61
N HIS A 20 0.10 3.99 -2.55
CA HIS A 20 0.83 4.03 -1.29
C HIS A 20 2.25 3.50 -1.51
N GLN A 21 2.47 2.52 -2.39
CA GLN A 21 3.83 2.06 -2.67
C GLN A 21 4.76 3.13 -3.27
N ARG A 22 4.28 4.36 -3.48
CA ARG A 22 5.18 5.44 -3.85
C ARG A 22 6.10 5.68 -2.64
N VAL A 23 5.59 5.46 -1.41
CA VAL A 23 6.44 5.52 -0.22
C VAL A 23 7.13 4.16 -0.18
N HIS A 24 8.32 4.08 0.43
CA HIS A 24 9.18 2.90 0.50
C HIS A 24 9.85 2.72 -0.87
N LYS A 25 9.03 2.43 -1.88
CA LYS A 25 9.36 2.15 -3.27
C LYS A 25 10.68 1.37 -3.40
N ASN A 26 10.82 0.31 -2.61
CA ASN A 26 12.02 -0.53 -2.58
C ASN A 26 11.63 -1.83 -1.86
N NH2 A 27 12.56 -2.77 -1.70
HN1 NH2 A 27 12.32 -3.62 -1.23
HN2 NH2 A 27 13.51 -2.62 -2.03
ZN ZN B . 3.47 0.68 3.22
C ACE A 1 -7.74 -4.70 3.08
O ACE A 1 -8.76 -4.25 3.60
CH3 ACE A 1 -7.18 -6.04 3.54
H1 ACE A 1 -6.15 -5.93 3.88
H2 ACE A 1 -7.78 -6.41 4.37
H3 ACE A 1 -7.22 -6.76 2.73
N TYR A 2 -7.09 -4.03 2.12
CA TYR A 2 -5.88 -4.46 1.44
C TYR A 2 -4.69 -4.10 2.33
N LYS A 3 -3.75 -5.03 2.50
CA LYS A 3 -2.57 -4.87 3.33
C LYS A 3 -1.34 -4.71 2.44
N CYS A 4 -0.40 -3.85 2.84
CA CYS A 4 0.83 -3.58 2.11
C CYS A 4 1.93 -4.60 2.40
N GLY A 5 1.85 -5.33 3.51
CA GLY A 5 2.85 -6.34 3.87
C GLY A 5 4.07 -5.69 4.50
N LEU A 6 4.68 -4.71 3.82
CA LEU A 6 5.85 -4.00 4.36
C LEU A 6 5.43 -3.10 5.54
N CYS A 7 4.14 -2.82 5.66
CA CYS A 7 3.52 -2.06 6.72
C CYS A 7 2.03 -2.39 6.60
N GLU A 8 1.45 -2.93 7.65
CA GLU A 8 0.05 -3.34 7.68
C GLU A 8 -0.91 -2.16 7.82
N ARG A 9 -0.85 -1.23 6.87
CA ARG A 9 -1.77 -0.11 6.81
C ARG A 9 -2.91 -0.62 5.93
N SER A 10 -4.16 -0.35 6.33
CA SER A 10 -5.35 -0.80 5.62
C SER A 10 -5.70 0.13 4.45
N PHE A 11 -5.73 -0.40 3.22
CA PHE A 11 -6.06 0.33 2.02
C PHE A 11 -7.40 -0.16 1.47
N VAL A 12 -8.22 0.75 0.94
CA VAL A 12 -9.53 0.41 0.40
C VAL A 12 -9.44 -0.45 -0.86
N GLU A 13 -8.42 -0.24 -1.71
CA GLU A 13 -8.27 -0.99 -2.95
C GLU A 13 -6.82 -1.07 -3.42
N LYS A 14 -6.59 -1.94 -4.39
CA LYS A 14 -5.30 -2.19 -5.02
C LYS A 14 -4.70 -0.87 -5.53
N SER A 15 -5.51 0.02 -6.11
CA SER A 15 -5.06 1.31 -6.58
C SER A 15 -4.40 2.09 -5.44
N ALA A 16 -5.13 2.26 -4.32
CA ALA A 16 -4.62 2.98 -3.16
C ALA A 16 -3.35 2.30 -2.66
N LEU A 17 -3.35 0.97 -2.60
CA LEU A 17 -2.21 0.20 -2.18
C LEU A 17 -1.00 0.56 -3.05
N SER A 18 -1.17 0.50 -4.37
CA SER A 18 -0.11 0.80 -5.32
C SER A 18 0.40 2.22 -5.10
N ARG A 19 -0.50 3.19 -4.94
CA ARG A 19 -0.10 4.56 -4.66
C ARG A 19 0.72 4.58 -3.37
N HIS A 20 0.29 3.85 -2.34
CA HIS A 20 1.03 3.76 -1.09
C HIS A 20 2.39 3.11 -1.36
N GLN A 21 2.53 2.13 -2.26
CA GLN A 21 3.86 1.61 -2.57
C GLN A 21 4.82 2.63 -3.20
N ARG A 22 4.39 3.89 -3.40
CA ARG A 22 5.34 4.94 -3.76
C ARG A 22 6.34 5.00 -2.58
N VAL A 23 5.84 4.72 -1.38
CA VAL A 23 6.55 4.61 -0.12
C VAL A 23 7.23 3.25 -0.13
N HIS A 24 8.44 3.15 0.42
CA HIS A 24 9.26 1.95 0.56
C HIS A 24 9.60 1.29 -0.77
N LYS A 25 8.60 0.69 -1.40
CA LYS A 25 8.76 -0.10 -2.62
C LYS A 25 8.86 0.81 -3.86
N ASN A 26 9.71 1.84 -3.78
CA ASN A 26 9.96 2.85 -4.80
C ASN A 26 10.81 3.95 -4.13
N NH2 A 27 10.24 4.63 -3.13
HN1 NH2 A 27 10.79 5.34 -2.67
HN2 NH2 A 27 9.29 4.44 -2.84
ZN ZN B . 3.40 0.28 3.33
C ACE A 1 -7.52 -5.08 2.37
O ACE A 1 -8.60 -4.76 2.86
CH3 ACE A 1 -7.01 -6.51 2.51
H1 ACE A 1 -6.02 -6.51 2.96
H2 ACE A 1 -7.69 -7.07 3.15
H3 ACE A 1 -6.98 -6.99 1.54
N TYR A 2 -6.76 -4.19 1.73
CA TYR A 2 -5.45 -4.42 1.13
C TYR A 2 -4.38 -3.97 2.11
N LYS A 3 -3.56 -4.91 2.57
CA LYS A 3 -2.47 -4.66 3.51
C LYS A 3 -1.18 -4.62 2.71
N CYS A 4 -0.35 -3.59 2.91
CA CYS A 4 0.90 -3.41 2.18
C CYS A 4 2.00 -4.41 2.57
N GLY A 5 1.83 -5.15 3.68
CA GLY A 5 2.80 -6.15 4.10
C GLY A 5 4.00 -5.51 4.81
N LEU A 6 4.67 -4.55 4.16
CA LEU A 6 5.81 -3.86 4.76
C LEU A 6 5.30 -2.99 5.92
N CYS A 7 4.05 -2.54 5.81
CA CYS A 7 3.31 -1.79 6.80
C CYS A 7 1.85 -2.11 6.48
N GLU A 8 1.21 -2.90 7.34
CA GLU A 8 -0.15 -3.38 7.10
C GLU A 8 -1.23 -2.34 7.35
N ARG A 9 -1.13 -1.20 6.66
CA ARG A 9 -2.15 -0.18 6.70
C ARG A 9 -3.25 -0.73 5.78
N SER A 10 -4.48 -0.86 6.28
CA SER A 10 -5.58 -1.44 5.53
C SER A 10 -6.15 -0.46 4.49
N PHE A 11 -5.62 -0.50 3.27
CA PHE A 11 -6.10 0.35 2.18
C PHE A 11 -7.38 -0.28 1.62
N VAL A 12 -8.42 0.53 1.41
CA VAL A 12 -9.70 0.09 0.93
C VAL A 12 -9.60 -0.55 -0.46
N GLU A 13 -8.79 0.04 -1.36
CA GLU A 13 -8.65 -0.43 -2.73
C GLU A 13 -7.19 -0.69 -3.11
N LYS A 14 -7.00 -1.53 -4.13
CA LYS A 14 -5.69 -1.83 -4.66
C LYS A 14 -5.07 -0.57 -5.28
N SER A 15 -5.90 0.39 -5.69
CA SER A 15 -5.46 1.65 -6.27
C SER A 15 -4.69 2.40 -5.17
N ALA A 16 -5.38 2.61 -4.05
CA ALA A 16 -4.82 3.26 -2.88
C ALA A 16 -3.56 2.53 -2.44
N LEU A 17 -3.58 1.19 -2.42
CA LEU A 17 -2.43 0.38 -2.06
C LEU A 17 -1.26 0.71 -2.99
N SER A 18 -1.48 0.61 -4.31
CA SER A 18 -0.45 0.88 -5.30
C SER A 18 0.11 2.29 -5.10
N ARG A 19 -0.78 3.28 -4.90
CA ARG A 19 -0.38 4.64 -4.64
C ARG A 19 0.52 4.65 -3.39
N HIS A 20 0.10 3.94 -2.33
CA HIS A 20 0.87 3.86 -1.12
C HIS A 20 2.24 3.25 -1.41
N GLN A 21 2.41 2.30 -2.33
CA GLN A 21 3.74 1.83 -2.67
C GLN A 21 4.66 2.89 -3.29
N ARG A 22 4.22 4.14 -3.46
CA ARG A 22 5.15 5.21 -3.81
C ARG A 22 6.16 5.29 -2.64
N VAL A 23 5.68 4.94 -1.44
CA VAL A 23 6.40 4.85 -0.20
C VAL A 23 7.13 3.51 -0.22
N HIS A 24 8.34 3.44 0.35
CA HIS A 24 9.16 2.23 0.51
C HIS A 24 9.68 1.57 -0.77
N LYS A 25 8.82 1.38 -1.78
CA LYS A 25 9.11 0.61 -2.98
C LYS A 25 10.15 1.26 -3.91
N ASN A 26 11.39 1.42 -3.41
CA ASN A 26 12.52 1.99 -4.12
C ASN A 26 13.01 1.00 -5.19
N NH2 A 27 12.21 0.79 -6.23
HN1 NH2 A 27 12.49 0.15 -6.97
HN2 NH2 A 27 11.31 1.26 -6.26
ZN ZN B . 3.35 0.54 3.40
C ACE A 1 -8.01 -5.61 2.69
O ACE A 1 -9.16 -5.23 2.86
CH3 ACE A 1 -7.47 -6.82 3.46
H1 ACE A 1 -6.57 -6.55 3.99
H2 ACE A 1 -8.23 -7.15 4.17
H3 ACE A 1 -7.27 -7.64 2.77
N TYR A 2 -7.20 -5.00 1.82
CA TYR A 2 -5.83 -5.35 1.52
C TYR A 2 -4.89 -4.74 2.57
N LYS A 3 -3.61 -5.14 2.49
CA LYS A 3 -2.53 -4.67 3.34
C LYS A 3 -1.30 -4.51 2.45
N CYS A 4 -0.39 -3.63 2.84
CA CYS A 4 0.82 -3.30 2.09
C CYS A 4 1.97 -4.27 2.29
N GLY A 5 2.13 -4.87 3.48
CA GLY A 5 3.20 -5.82 3.73
C GLY A 5 4.46 -5.07 4.18
N LEU A 6 4.86 -4.03 3.45
CA LEU A 6 6.00 -3.20 3.81
C LEU A 6 5.63 -2.27 4.98
N CYS A 7 4.39 -2.39 5.48
CA CYS A 7 3.73 -1.73 6.57
C CYS A 7 2.34 -2.39 6.53
N GLU A 8 1.65 -2.45 7.65
CA GLU A 8 0.34 -3.08 7.75
C GLU A 8 -0.81 -2.08 7.80
N ARG A 9 -0.72 -1.03 7.00
CA ARG A 9 -1.81 -0.09 6.84
C ARG A 9 -2.83 -0.89 6.01
N SER A 10 -4.12 -0.73 6.30
CA SER A 10 -5.20 -1.44 5.60
C SER A 10 -5.76 -0.57 4.49
N PHE A 11 -6.10 -1.16 3.33
CA PHE A 11 -6.62 -0.43 2.18
C PHE A 11 -7.70 -1.21 1.45
N VAL A 12 -8.81 -0.53 1.16
CA VAL A 12 -9.92 -1.15 0.42
C VAL A 12 -9.65 -1.06 -1.08
N GLU A 13 -9.17 0.09 -1.55
CA GLU A 13 -8.89 0.35 -2.94
C GLU A 13 -7.45 -0.07 -3.29
N LYS A 14 -7.31 -1.09 -4.16
CA LYS A 14 -6.01 -1.56 -4.60
C LYS A 14 -5.21 -0.42 -5.23
N SER A 15 -5.87 0.47 -5.98
CA SER A 15 -5.25 1.62 -6.61
C SER A 15 -4.57 2.51 -5.57
N ALA A 16 -5.29 2.83 -4.49
CA ALA A 16 -4.75 3.66 -3.41
C ALA A 16 -3.51 2.98 -2.85
N LEU A 17 -3.58 1.67 -2.61
CA LEU A 17 -2.44 0.95 -2.10
C LEU A 17 -1.26 0.99 -3.09
N SER A 18 -1.53 0.78 -4.37
CA SER A 18 -0.50 0.82 -5.40
C SER A 18 0.21 2.16 -5.28
N ARG A 19 -0.57 3.24 -5.17
CA ARG A 19 -0.05 4.58 -4.98
C ARG A 19 0.65 4.69 -3.62
N HIS A 20 0.21 3.95 -2.59
CA HIS A 20 0.81 4.08 -1.27
C HIS A 20 2.24 3.54 -1.29
N GLN A 21 2.55 2.58 -2.17
CA GLN A 21 3.90 2.07 -2.26
C GLN A 21 4.93 3.18 -2.41
N ARG A 22 4.55 4.34 -2.95
CA ARG A 22 5.42 5.50 -3.11
C ARG A 22 6.29 5.76 -1.88
N VAL A 23 5.80 5.51 -0.66
CA VAL A 23 6.61 5.77 0.53
C VAL A 23 7.83 4.83 0.63
N HIS A 24 7.71 3.60 0.10
CA HIS A 24 8.75 2.58 0.17
C HIS A 24 9.43 2.41 -1.20
N LYS A 25 8.58 2.10 -2.19
CA LYS A 25 8.85 1.82 -3.57
C LYS A 25 10.06 0.91 -3.76
N ASN A 26 10.12 -0.17 -2.98
CA ASN A 26 11.21 -1.13 -3.05
C ASN A 26 11.19 -1.82 -4.41
N NH2 A 27 12.36 -2.02 -5.02
HN1 NH2 A 27 12.38 -2.47 -5.92
HN2 NH2 A 27 13.23 -1.72 -4.58
ZN ZN B . 3.18 0.59 3.06
C ACE A 1 -6.76 -3.84 2.84
O ACE A 1 -7.60 -3.03 3.20
CH3 ACE A 1 -6.42 -5.04 3.74
H1 ACE A 1 -5.41 -4.95 4.12
H2 ACE A 1 -7.11 -5.06 4.59
H3 ACE A 1 -6.54 -5.97 3.19
N TYR A 2 -6.14 -3.72 1.67
CA TYR A 2 -5.11 -4.59 1.13
C TYR A 2 -3.84 -4.42 1.97
N LYS A 3 -3.15 -5.53 2.27
CA LYS A 3 -1.93 -5.46 3.06
C LYS A 3 -0.76 -5.01 2.16
N CYS A 4 0.17 -4.26 2.74
CA CYS A 4 1.32 -3.73 2.03
C CYS A 4 2.51 -4.71 2.07
N GLY A 5 2.88 -5.20 3.25
CA GLY A 5 3.98 -6.13 3.44
C GLY A 5 5.14 -5.41 4.12
N LEU A 6 5.50 -4.24 3.57
CA LEU A 6 6.55 -3.40 4.15
C LEU A 6 5.99 -2.73 5.42
N CYS A 7 4.66 -2.68 5.52
CA CYS A 7 3.87 -2.19 6.63
C CYS A 7 2.50 -2.82 6.36
N GLU A 8 1.44 -2.25 6.89
CA GLU A 8 0.07 -2.74 6.75
C GLU A 8 -0.89 -1.63 7.21
N ARG A 9 -1.63 -1.07 6.25
CA ARG A 9 -2.63 -0.02 6.43
C ARG A 9 -3.83 -0.44 5.57
N SER A 10 -5.05 -0.12 6.00
CA SER A 10 -6.30 -0.55 5.38
C SER A 10 -6.63 0.11 4.04
N PHE A 11 -5.80 -0.13 3.02
CA PHE A 11 -6.04 0.39 1.68
C PHE A 11 -7.09 -0.48 1.00
N VAL A 12 -8.36 -0.19 1.29
CA VAL A 12 -9.53 -0.88 0.81
C VAL A 12 -9.48 -1.31 -0.66
N GLU A 13 -8.88 -0.48 -1.51
CA GLU A 13 -8.74 -0.74 -2.94
C GLU A 13 -7.27 -0.81 -3.33
N LYS A 14 -6.92 -1.78 -4.18
CA LYS A 14 -5.56 -1.99 -4.67
C LYS A 14 -4.91 -0.70 -5.18
N SER A 15 -5.69 0.15 -5.87
CA SER A 15 -5.22 1.41 -6.41
C SER A 15 -4.60 2.28 -5.31
N ALA A 16 -5.29 2.35 -4.16
CA ALA A 16 -4.83 3.14 -3.04
C ALA A 16 -3.51 2.56 -2.52
N LEU A 17 -3.33 1.24 -2.56
CA LEU A 17 -2.11 0.67 -2.07
C LEU A 17 -0.97 0.92 -3.06
N SER A 18 -1.29 0.79 -4.35
CA SER A 18 -0.36 1.08 -5.42
C SER A 18 0.18 2.48 -5.13
N ARG A 19 -0.74 3.40 -4.80
CA ARG A 19 -0.36 4.74 -4.40
C ARG A 19 0.42 4.72 -3.08
N HIS A 20 0.07 3.89 -2.09
CA HIS A 20 0.80 3.89 -0.83
C HIS A 20 2.29 3.59 -1.03
N GLN A 21 2.67 2.79 -2.04
CA GLN A 21 4.08 2.53 -2.28
C GLN A 21 4.89 3.81 -2.48
N ARG A 22 4.25 4.98 -2.65
CA ARG A 22 4.95 6.26 -2.71
C ARG A 22 5.95 6.35 -1.53
N VAL A 23 5.57 5.85 -0.35
CA VAL A 23 6.45 5.92 0.83
C VAL A 23 7.61 4.92 0.75
N HIS A 24 7.47 3.84 -0.03
CA HIS A 24 8.47 2.80 -0.19
C HIS A 24 8.22 1.99 -1.46
N LYS A 25 8.79 2.43 -2.59
CA LYS A 25 8.63 1.77 -3.88
C LYS A 25 9.53 0.53 -3.97
N ASN A 26 9.60 -0.28 -2.91
CA ASN A 26 10.45 -1.46 -2.85
C ASN A 26 9.75 -2.63 -3.55
N NH2 A 27 9.51 -2.47 -4.85
HN1 NH2 A 27 9.05 -3.21 -5.36
HN2 NH2 A 27 9.79 -1.61 -5.30
ZN ZN B . 3.68 0.19 3.25
C ACE A 1 -7.40 -4.68 2.85
O ACE A 1 -6.88 -5.65 3.41
CH3 ACE A 1 -8.68 -4.07 3.41
H1 ACE A 1 -9.47 -4.09 2.65
H2 ACE A 1 -9.01 -4.63 4.28
H3 ACE A 1 -8.50 -3.03 3.69
N TYR A 2 -6.89 -4.11 1.75
CA TYR A 2 -5.67 -4.60 1.13
C TYR A 2 -4.51 -4.24 2.04
N LYS A 3 -3.69 -5.22 2.44
CA LYS A 3 -2.57 -5.00 3.34
C LYS A 3 -1.29 -4.68 2.55
N CYS A 4 -0.50 -3.72 3.05
CA CYS A 4 0.76 -3.32 2.43
C CYS A 4 1.86 -4.37 2.64
N GLY A 5 1.80 -5.14 3.73
CA GLY A 5 2.82 -6.14 4.02
C GLY A 5 4.03 -5.49 4.68
N LEU A 6 4.61 -4.47 4.03
CA LEU A 6 5.78 -3.76 4.56
C LEU A 6 5.37 -2.92 5.77
N CYS A 7 4.15 -2.38 5.76
CA CYS A 7 3.57 -1.59 6.84
C CYS A 7 2.07 -1.81 6.76
N GLU A 8 1.64 -2.95 7.31
CA GLU A 8 0.30 -3.54 7.31
C GLU A 8 -0.89 -2.64 7.70
N ARG A 9 -1.11 -1.62 6.89
CA ARG A 9 -2.23 -0.70 6.96
C ARG A 9 -3.25 -1.25 5.96
N SER A 10 -4.53 -1.14 6.28
CA SER A 10 -5.65 -1.65 5.49
C SER A 10 -6.11 -0.61 4.47
N PHE A 11 -5.92 -0.86 3.18
CA PHE A 11 -6.31 0.04 2.10
C PHE A 11 -7.64 -0.36 1.46
N VAL A 12 -8.45 0.65 1.14
CA VAL A 12 -9.76 0.62 0.54
C VAL A 12 -9.61 0.48 -0.98
N GLU A 13 -8.89 -0.59 -1.33
CA GLU A 13 -8.55 -1.15 -2.63
C GLU A 13 -7.07 -1.06 -2.95
N LYS A 14 -6.63 -2.04 -3.76
CA LYS A 14 -5.29 -2.12 -4.33
C LYS A 14 -5.00 -0.81 -5.04
N SER A 15 -6.03 -0.17 -5.61
CA SER A 15 -5.96 1.09 -6.31
C SER A 15 -5.26 2.16 -5.46
N ALA A 16 -5.62 2.25 -4.17
CA ALA A 16 -4.99 3.22 -3.28
C ALA A 16 -3.60 2.73 -2.94
N LEU A 17 -3.47 1.44 -2.67
CA LEU A 17 -2.20 0.89 -2.30
C LEU A 17 -1.13 1.07 -3.39
N SER A 18 -1.52 1.00 -4.67
CA SER A 18 -0.57 1.22 -5.75
C SER A 18 0.19 2.54 -5.50
N ARG A 19 -0.55 3.56 -5.05
CA ARG A 19 -0.01 4.85 -4.68
C ARG A 19 0.68 4.75 -3.32
N HIS A 20 0.23 3.88 -2.40
CA HIS A 20 0.87 3.76 -1.11
C HIS A 20 2.28 3.21 -1.28
N GLN A 21 2.52 2.24 -2.17
CA GLN A 21 3.87 1.73 -2.34
C GLN A 21 4.88 2.84 -2.62
N ARG A 22 4.47 3.98 -3.17
CA ARG A 22 5.34 5.13 -3.42
C ARG A 22 6.19 5.45 -2.18
N VAL A 23 5.63 5.21 -0.99
CA VAL A 23 6.21 5.41 0.32
C VAL A 23 7.53 4.63 0.48
N HIS A 24 7.61 3.45 -0.14
CA HIS A 24 8.75 2.54 -0.05
C HIS A 24 9.40 2.42 -1.43
N LYS A 25 8.57 1.98 -2.38
CA LYS A 25 8.78 1.74 -3.79
C LYS A 25 9.73 0.61 -4.12
N ASN A 26 10.92 0.74 -3.56
CA ASN A 26 12.07 -0.15 -3.66
C ASN A 26 12.62 -0.23 -5.09
N NH2 A 27 11.84 -0.70 -6.04
HN1 NH2 A 27 12.18 -0.77 -6.99
HN2 NH2 A 27 10.89 -0.97 -5.81
ZN ZN B . 3.48 0.60 3.37
C ACE A 1 -5.73 -4.56 5.16
O ACE A 1 -5.53 -5.78 5.18
CH3 ACE A 1 -6.33 -3.85 6.36
H1 ACE A 1 -7.34 -3.52 6.12
H2 ACE A 1 -6.36 -4.53 7.21
H3 ACE A 1 -5.71 -2.98 6.62
N TYR A 2 -5.41 -3.81 4.10
CA TYR A 2 -4.80 -4.38 2.90
C TYR A 2 -3.30 -4.43 3.15
N LYS A 3 -2.72 -5.61 3.00
CA LYS A 3 -1.31 -5.85 3.22
C LYS A 3 -0.55 -5.22 2.04
N CYS A 4 0.37 -4.33 2.37
CA CYS A 4 1.23 -3.64 1.40
C CYS A 4 2.48 -4.49 1.15
N GLY A 5 2.78 -5.42 2.06
CA GLY A 5 3.94 -6.28 1.97
C GLY A 5 5.02 -5.64 2.84
N LEU A 6 5.31 -4.37 2.57
CA LEU A 6 6.26 -3.61 3.36
C LEU A 6 5.55 -3.20 4.67
N CYS A 7 4.24 -3.01 4.64
CA CYS A 7 3.41 -2.70 5.78
C CYS A 7 1.99 -3.19 5.46
N GLU A 8 0.97 -2.48 5.89
CA GLU A 8 -0.44 -2.81 5.78
C GLU A 8 -1.23 -1.62 6.30
N ARG A 9 -2.27 -1.24 5.58
CA ARG A 9 -3.22 -0.18 5.91
C ARG A 9 -4.59 -0.49 5.31
N SER A 10 -5.65 -0.09 6.01
CA SER A 10 -7.03 -0.33 5.63
C SER A 10 -7.52 0.57 4.49
N PHE A 11 -6.84 0.57 3.34
CA PHE A 11 -7.27 1.39 2.22
C PHE A 11 -8.48 0.76 1.53
N VAL A 12 -8.47 -0.57 1.42
CA VAL A 12 -9.45 -1.43 0.78
C VAL A 12 -9.44 -1.30 -0.75
N GLU A 13 -9.12 -0.11 -1.23
CA GLU A 13 -8.97 0.23 -2.62
C GLU A 13 -7.56 -0.12 -3.06
N LYS A 14 -7.44 -1.21 -3.84
CA LYS A 14 -6.19 -1.69 -4.42
C LYS A 14 -5.35 -0.57 -5.02
N SER A 15 -5.98 0.35 -5.76
CA SER A 15 -5.29 1.46 -6.40
C SER A 15 -4.64 2.36 -5.34
N ALA A 16 -5.41 2.74 -4.32
CA ALA A 16 -4.90 3.60 -3.24
C ALA A 16 -3.71 2.91 -2.59
N LEU A 17 -3.86 1.64 -2.22
CA LEU A 17 -2.78 0.90 -1.63
C LEU A 17 -1.56 0.87 -2.55
N SER A 18 -1.66 0.42 -3.80
CA SER A 18 -0.50 0.37 -4.70
C SER A 18 0.12 1.77 -4.78
N ARG A 19 -0.71 2.81 -4.84
CA ARG A 19 -0.23 4.17 -4.82
C ARG A 19 0.49 4.44 -3.49
N HIS A 20 0.09 3.78 -2.39
CA HIS A 20 0.77 3.98 -1.12
C HIS A 20 2.22 3.55 -1.24
N GLN A 21 2.52 2.40 -1.84
CA GLN A 21 3.88 1.92 -1.99
C GLN A 21 4.90 2.91 -2.53
N ARG A 22 4.47 3.99 -3.19
CA ARG A 22 5.40 5.05 -3.62
C ARG A 22 6.27 5.43 -2.41
N VAL A 23 5.66 5.44 -1.22
CA VAL A 23 6.23 5.72 0.08
C VAL A 23 7.50 4.90 0.38
N HIS A 24 7.57 3.66 -0.11
CA HIS A 24 8.69 2.75 0.07
C HIS A 24 8.68 1.75 -1.09
N LYS A 25 8.91 2.26 -2.30
CA LYS A 25 8.92 1.50 -3.53
C LYS A 25 10.23 0.70 -3.63
N ASN A 26 10.40 -0.26 -2.72
CA ASN A 26 11.55 -1.16 -2.60
C ASN A 26 12.82 -0.43 -2.17
N NH2 A 27 13.30 0.53 -2.96
HN1 NH2 A 27 14.13 1.03 -2.71
HN2 NH2 A 27 12.80 0.75 -3.83
ZN ZN B . 3.58 0.22 2.86
#